data_4Z80
#
_entry.id   4Z80
#
_cell.length_a   120.560
_cell.length_b   120.560
_cell.length_c   141.690
_cell.angle_alpha   90.00
_cell.angle_beta   90.00
_cell.angle_gamma   120.00
#
_symmetry.space_group_name_H-M   'P 65'
#
loop_
_entity.id
_entity.type
_entity.pdbx_description
1 polymer 'EGF family domain-containing protein'
2 polymer 'Cytoadherence-linked asexual protein'
3 non-polymer GLYCEROL
4 non-polymer 'SULFATE ION'
5 non-polymer 2-acetamido-2-deoxy-beta-D-glucopyranose
6 water water
#
loop_
_entity_poly.entity_id
_entity_poly.type
_entity_poly.pdbx_seq_one_letter_code
_entity_poly.pdbx_strand_id
1 'polypeptide(L)'
;GSAMGSSTSTSRATYMDRFNIPKNHVDLIWDKDGTKSHTRGNTTYRWTERKSNVGVYVGYSEMYDSSAQAYCQSSSAKID
TKTTVGAPYMAAGACPNYGKVIAFTKRDGSRSDMTRWKNEIHANVMPHSTTSCASRADPGAAEVAKSIEGFAMYAGYLTH
CPYNVNVYRQDMVTDKEFDSTVCNFVTESNPLRFLDTTQRQSTQPYTEYAFHGKGGHKGYDYKGQTSHVGCPPYNPPHVT
KGMKDSSWITGPFECSILSRCTTHCWPYKSGGNCFRSLPAMFDMSTGECRLLGYHTQDFRSSTCAELTTDDTNAFYCVRP
MKTAASSNMVYVTSHTRPDHETKCPPREPLKNVRWGVVSKGKYCKPMNARASLSNATAEQCGQRLFMLSSADGSSLSSQV
RGYHWATFVATDCNMGESCAATARGKCFFYSTVPECLIHSPTTMAFTSLSAVDPSIAIDPDSIAVLPEDKCVSVDCGAHG
TCDVATGKCVCEPGFTGERCDAAALVPR
;
A,B
2 'polypeptide(L)' GSASQIVQNQSSLAPELSGCPPMGICMDGTIGDPIAS C,D
#
# COMPACT_ATOMS: atom_id res chain seq x y z
N SER A 7 -27.84 16.81 3.07
CA SER A 7 -27.66 17.93 3.99
C SER A 7 -26.20 18.11 4.38
N THR A 8 -25.66 19.28 4.07
CA THR A 8 -24.27 19.58 4.40
C THR A 8 -24.05 19.59 5.90
N SER A 9 -25.02 20.09 6.67
CA SER A 9 -24.86 20.15 8.13
C SER A 9 -24.72 18.75 8.72
N THR A 10 -25.51 17.81 8.22
CA THR A 10 -25.42 16.42 8.66
C THR A 10 -24.10 15.79 8.23
N SER A 11 -23.70 16.04 6.99
CA SER A 11 -22.44 15.52 6.50
C SER A 11 -21.25 16.07 7.27
N ARG A 12 -21.35 17.35 7.63
CA ARG A 12 -20.31 18.01 8.41
C ARG A 12 -20.17 17.35 9.78
N ALA A 13 -21.31 17.12 10.44
CA ALA A 13 -21.30 16.48 11.75
C ALA A 13 -20.72 15.07 11.67
N THR A 14 -21.08 14.33 10.63
CA THR A 14 -20.57 12.97 10.44
C THR A 14 -19.05 12.98 10.29
N TYR A 15 -18.54 13.92 9.50
CA TYR A 15 -17.10 14.05 9.30
C TYR A 15 -16.41 14.46 10.60
N MET A 16 -16.94 15.47 11.28
CA MET A 16 -16.27 16.03 12.46
C MET A 16 -16.27 15.07 13.65
N ASP A 17 -17.11 14.05 13.59
CA ASP A 17 -17.16 12.99 14.61
C ASP A 17 -15.78 12.36 14.80
N ARG A 18 -14.94 12.37 13.76
CA ARG A 18 -13.63 11.72 13.85
C ARG A 18 -12.70 12.48 14.80
N PHE A 19 -13.08 13.68 15.21
CA PHE A 19 -12.26 14.48 16.11
C PHE A 19 -12.80 14.47 17.54
N ASN A 20 -13.85 13.68 17.80
CA ASN A 20 -14.43 13.61 19.14
C ASN A 20 -13.70 12.55 19.96
N ILE A 21 -12.53 12.92 20.45
CA ILE A 21 -11.60 11.97 21.05
C ILE A 21 -12.14 11.34 22.33
N PRO A 22 -12.71 12.13 23.26
CA PRO A 22 -13.23 11.45 24.46
C PRO A 22 -14.35 10.45 24.18
N LYS A 23 -15.19 10.73 23.19
CA LYS A 23 -16.29 9.83 22.85
C LYS A 23 -15.82 8.57 22.14
N ASN A 24 -14.77 8.69 21.32
CA ASN A 24 -14.40 7.62 20.39
C ASN A 24 -13.11 6.87 20.74
N HIS A 25 -12.26 7.48 21.57
CA HIS A 25 -11.06 6.82 22.05
C HIS A 25 -11.43 5.98 23.26
N VAL A 26 -12.04 4.85 22.98
CA VAL A 26 -12.70 4.07 24.01
C VAL A 26 -11.90 2.84 24.38
N ASP A 27 -12.36 2.18 25.43
CA ASP A 27 -11.82 0.91 25.88
C ASP A 27 -12.76 -0.17 25.40
N LEU A 28 -12.40 -0.87 24.33
CA LEU A 28 -13.25 -1.92 23.83
C LEU A 28 -12.61 -3.28 24.02
N ILE A 29 -13.47 -4.29 24.06
CA ILE A 29 -13.03 -5.68 24.06
C ILE A 29 -13.80 -6.40 22.95
N TRP A 30 -13.20 -7.42 22.38
CA TRP A 30 -13.82 -8.15 21.27
C TRP A 30 -14.81 -9.17 21.84
N ASP A 31 -16.01 -9.21 21.26
CA ASP A 31 -17.00 -10.21 21.65
C ASP A 31 -18.09 -10.30 20.57
N LYS A 32 -18.42 -11.53 20.17
CA LYS A 32 -19.37 -11.69 19.08
C LYS A 32 -20.80 -11.28 19.50
N ASP A 33 -21.02 -11.10 20.79
CA ASP A 33 -22.31 -10.61 21.30
C ASP A 33 -22.26 -9.13 21.69
N GLY A 34 -21.15 -8.46 21.39
CA GLY A 34 -21.05 -7.04 21.65
C GLY A 34 -22.06 -6.25 20.84
N THR A 35 -22.53 -5.14 21.37
CA THR A 35 -23.56 -4.36 20.70
C THR A 35 -23.01 -3.40 19.64
N LYS A 36 -21.69 -3.20 19.63
CA LYS A 36 -21.04 -2.35 18.64
C LYS A 36 -20.58 -3.16 17.45
N SER A 37 -20.68 -2.62 16.25
CA SER A 37 -20.24 -3.35 15.07
C SER A 37 -19.82 -2.45 13.92
N HIS A 38 -18.99 -3.00 13.06
CA HIS A 38 -18.54 -2.30 11.88
C HIS A 38 -18.05 -3.30 10.86
N THR A 39 -18.45 -3.10 9.61
CA THR A 39 -17.97 -3.95 8.54
C THR A 39 -16.85 -3.24 7.80
N ARG A 40 -15.67 -3.84 7.85
CA ARG A 40 -14.48 -3.31 7.21
C ARG A 40 -14.04 -4.33 6.18
N GLY A 41 -14.19 -3.99 4.91
CA GLY A 41 -13.98 -4.94 3.83
C GLY A 41 -15.07 -5.99 3.84
N ASN A 42 -14.67 -7.24 4.05
CA ASN A 42 -15.59 -8.38 4.01
C ASN A 42 -15.97 -8.89 5.39
N THR A 43 -15.43 -8.25 6.41
CA THR A 43 -15.52 -8.74 7.78
C THR A 43 -16.32 -7.79 8.67
N THR A 44 -17.28 -8.35 9.42
CA THR A 44 -18.00 -7.58 10.41
C THR A 44 -17.41 -7.83 11.78
N TYR A 45 -16.84 -6.77 12.35
CA TYR A 45 -16.26 -6.82 13.68
C TYR A 45 -17.30 -6.48 14.73
N ARG A 46 -17.25 -7.19 15.85
CA ARG A 46 -18.18 -6.97 16.95
C ARG A 46 -17.43 -6.70 18.25
N TRP A 47 -17.86 -5.70 19.00
CA TRP A 47 -17.20 -5.39 20.25
C TRP A 47 -18.11 -4.76 21.29
N THR A 48 -17.62 -4.75 22.52
CA THR A 48 -18.24 -4.06 23.63
C THR A 48 -17.37 -2.88 24.03
N GLU A 49 -18.01 -1.75 24.29
CA GLU A 49 -17.32 -0.57 24.78
C GLU A 49 -17.47 -0.52 26.29
N ARG A 50 -16.36 -0.72 27.01
CA ARG A 50 -16.39 -0.77 28.47
C ARG A 50 -16.43 0.62 29.09
N LYS A 51 -15.71 1.54 28.48
CA LYS A 51 -15.71 2.93 28.93
C LYS A 51 -15.21 3.83 27.81
N SER A 52 -15.52 5.11 27.92
CA SER A 52 -14.99 6.10 26.99
C SER A 52 -13.87 6.89 27.64
N ASN A 53 -13.31 7.84 26.91
CA ASN A 53 -12.32 8.77 27.47
C ASN A 53 -11.10 8.08 28.05
N VAL A 54 -10.60 7.06 27.35
CA VAL A 54 -9.34 6.42 27.72
C VAL A 54 -8.20 7.43 27.61
N GLY A 55 -7.22 7.35 28.50
CA GLY A 55 -6.09 8.27 28.44
C GLY A 55 -5.34 8.21 27.11
N VAL A 56 -5.04 9.37 26.55
CA VAL A 56 -4.34 9.46 25.27
C VAL A 56 -2.81 9.43 25.43
N TYR A 57 -2.29 10.20 26.37
CA TYR A 57 -0.87 10.20 26.66
C TYR A 57 -0.47 8.82 27.17
N VAL A 58 -1.21 8.35 28.17
CA VAL A 58 -1.06 7.03 28.75
C VAL A 58 -2.45 6.42 28.87
N GLY A 59 -2.69 5.28 28.23
CA GLY A 59 -3.99 4.64 28.22
C GLY A 59 -3.94 3.24 28.79
N TYR A 60 -4.79 3.00 29.80
CA TYR A 60 -4.86 1.71 30.48
C TYR A 60 -6.29 1.30 30.72
N SER A 61 -6.53 -0.01 30.69
CA SER A 61 -7.72 -0.57 31.30
C SER A 61 -7.36 -1.91 31.92
N GLU A 62 -8.25 -2.42 32.77
CA GLU A 62 -7.98 -3.68 33.43
C GLU A 62 -7.79 -4.82 32.43
N MET A 63 -6.73 -5.59 32.64
CA MET A 63 -6.50 -6.76 31.82
C MET A 63 -7.78 -7.59 31.72
N TYR A 64 -8.16 -7.89 30.49
CA TYR A 64 -9.36 -8.65 30.18
C TYR A 64 -8.93 -9.94 29.52
N ASP A 65 -9.30 -11.07 30.12
CA ASP A 65 -8.96 -12.37 29.57
C ASP A 65 -10.19 -13.25 29.52
N SER A 66 -10.73 -13.43 28.32
CA SER A 66 -11.91 -14.25 28.11
C SER A 66 -11.56 -15.60 27.48
N SER A 67 -10.31 -16.02 27.64
CA SER A 67 -9.97 -17.40 27.33
C SER A 67 -10.70 -18.27 28.35
N ALA A 68 -10.88 -19.55 28.05
CA ALA A 68 -11.59 -20.45 28.95
C ALA A 68 -10.94 -20.48 30.34
N GLN A 69 -9.61 -20.39 30.37
CA GLN A 69 -8.88 -20.43 31.65
C GLN A 69 -8.68 -19.05 32.28
N ALA A 70 -8.94 -17.99 31.50
CA ALA A 70 -8.80 -16.61 31.99
C ALA A 70 -7.42 -16.38 32.61
N TYR A 71 -6.39 -16.92 31.95
CA TYR A 71 -5.03 -16.96 32.50
C TYR A 71 -4.55 -15.64 33.09
N CYS A 72 -4.64 -14.57 32.31
CA CYS A 72 -3.97 -13.32 32.70
C CYS A 72 -4.81 -12.49 33.66
N GLN A 73 -5.98 -12.99 34.05
CA GLN A 73 -6.77 -12.35 35.10
C GLN A 73 -6.44 -12.91 36.49
N SER A 74 -5.63 -13.96 36.53
CA SER A 74 -5.21 -14.58 37.79
C SER A 74 -4.36 -13.65 38.63
N SER A 75 -4.52 -13.73 39.95
CA SER A 75 -3.72 -12.92 40.86
C SER A 75 -2.26 -13.33 40.81
N SER A 76 -1.97 -14.53 40.32
CA SER A 76 -0.59 -15.01 40.22
C SER A 76 0.01 -14.74 38.85
N ALA A 77 -0.77 -14.13 37.95
CA ALA A 77 -0.25 -13.72 36.65
C ALA A 77 0.53 -12.42 36.81
N LYS A 78 1.76 -12.39 36.33
CA LYS A 78 2.54 -11.15 36.36
C LYS A 78 2.24 -10.33 35.12
N ILE A 79 1.81 -9.09 35.33
CA ILE A 79 1.64 -8.13 34.25
C ILE A 79 2.53 -6.95 34.59
N ASP A 80 3.27 -6.45 33.61
CA ASP A 80 4.33 -5.47 33.88
C ASP A 80 3.80 -4.21 34.58
N THR A 81 2.56 -3.85 34.29
CA THR A 81 1.94 -2.67 34.89
C THR A 81 1.63 -2.81 36.39
N LYS A 82 1.57 -4.04 36.91
CA LYS A 82 1.34 -4.20 38.34
C LYS A 82 2.46 -3.52 39.12
N THR A 83 3.68 -3.67 38.64
CA THR A 83 4.84 -3.07 39.28
C THR A 83 4.96 -1.57 39.01
N THR A 84 4.75 -1.17 37.75
CA THR A 84 5.02 0.19 37.36
C THR A 84 3.86 1.14 37.60
N VAL A 85 2.63 0.62 37.60
CA VAL A 85 1.43 1.46 37.75
C VAL A 85 0.62 1.10 39.00
N GLY A 86 0.67 -0.15 39.43
CA GLY A 86 0.00 -0.57 40.64
C GLY A 86 -1.26 -1.37 40.43
N ALA A 87 -1.55 -1.72 39.18
CA ALA A 87 -2.73 -2.49 38.84
C ALA A 87 -2.42 -3.30 37.60
N PRO A 88 -3.09 -4.45 37.43
CA PRO A 88 -2.85 -5.27 36.23
C PRO A 88 -3.58 -4.69 35.02
N TYR A 89 -2.91 -3.77 34.36
CA TYR A 89 -3.46 -3.03 33.23
C TYR A 89 -2.91 -3.49 31.88
N MET A 90 -3.81 -3.58 30.89
CA MET A 90 -3.40 -3.64 29.50
C MET A 90 -3.42 -2.23 28.89
N ALA A 91 -2.57 -2.02 27.88
CA ALA A 91 -2.58 -0.78 27.12
C ALA A 91 -3.91 -0.66 26.39
N ALA A 92 -4.55 0.50 26.48
CA ALA A 92 -5.91 0.69 25.99
C ALA A 92 -6.04 2.00 25.24
N GLY A 93 -7.08 2.08 24.41
CA GLY A 93 -7.38 3.26 23.62
C GLY A 93 -7.64 2.85 22.18
N ALA A 94 -8.87 3.03 21.73
CA ALA A 94 -9.28 2.51 20.43
C ALA A 94 -8.69 3.21 19.20
N CYS A 95 -8.24 4.46 19.35
CA CYS A 95 -7.68 5.20 18.23
C CYS A 95 -6.17 5.04 18.14
N PRO A 96 -5.65 4.80 16.93
CA PRO A 96 -4.20 4.85 16.74
C PRO A 96 -3.64 6.21 17.13
N ASN A 97 -2.47 6.19 17.77
CA ASN A 97 -1.88 7.41 18.30
C ASN A 97 -0.65 7.75 17.49
N TYR A 98 -0.82 8.70 16.57
CA TYR A 98 0.23 9.00 15.61
C TYR A 98 1.37 9.80 16.23
N GLY A 99 2.58 9.33 16.02
CA GLY A 99 3.79 9.96 16.50
C GLY A 99 4.24 9.45 17.86
N LYS A 100 3.37 8.73 18.55
CA LYS A 100 3.67 8.28 19.92
C LYS A 100 4.68 7.15 19.96
N VAL A 101 5.80 7.41 20.62
CA VAL A 101 6.88 6.44 20.83
C VAL A 101 7.17 6.34 22.32
N ILE A 102 7.44 5.14 22.80
CA ILE A 102 7.88 4.96 24.18
C ILE A 102 9.38 5.19 24.26
N ALA A 103 9.75 6.35 24.80
CA ALA A 103 11.14 6.78 24.89
C ALA A 103 11.77 6.33 26.20
N PHE A 104 13.02 5.90 26.13
CA PHE A 104 13.82 5.63 27.32
C PHE A 104 14.46 6.95 27.72
N THR A 105 14.32 7.33 28.98
CA THR A 105 14.77 8.64 29.45
C THR A 105 15.43 8.56 30.82
N LYS A 106 16.01 9.67 31.26
CA LYS A 106 16.31 9.84 32.66
C LYS A 106 15.01 10.15 33.39
N ARG A 107 15.06 10.17 34.71
CA ARG A 107 13.84 10.35 35.50
C ARG A 107 13.20 11.72 35.27
N ASP A 108 14.00 12.70 34.85
CA ASP A 108 13.46 14.01 34.54
C ASP A 108 13.10 14.18 33.07
N GLY A 109 13.09 13.07 32.32
CA GLY A 109 12.71 13.11 30.92
C GLY A 109 13.84 13.45 29.96
N SER A 110 15.03 13.77 30.49
CA SER A 110 16.16 14.18 29.66
C SER A 110 16.88 12.99 29.04
N ARG A 111 17.73 13.29 28.05
CA ARG A 111 18.58 12.30 27.38
C ARG A 111 17.72 11.18 26.80
N SER A 112 16.61 11.58 26.20
CA SER A 112 15.66 10.63 25.68
C SER A 112 16.23 9.89 24.48
N ASP A 113 15.86 8.61 24.39
CA ASP A 113 16.27 7.73 23.30
C ASP A 113 15.00 7.15 22.69
N MET A 114 14.69 7.55 21.47
CA MET A 114 13.43 7.17 20.86
C MET A 114 13.54 5.96 19.92
N THR A 115 14.69 5.28 19.91
CA THR A 115 14.84 4.05 19.14
C THR A 115 15.20 2.83 20.00
N ARG A 116 15.53 3.07 21.26
CA ARG A 116 15.85 2.00 22.18
C ARG A 116 14.73 0.96 22.29
N TRP A 117 13.47 1.39 22.13
CA TRP A 117 12.33 0.49 22.27
C TRP A 117 12.40 -0.70 21.32
N LYS A 118 13.15 -0.58 20.23
CA LYS A 118 13.21 -1.63 19.23
C LYS A 118 13.95 -2.88 19.69
N ASN A 119 14.80 -2.75 20.71
CA ASN A 119 15.43 -3.94 21.28
C ASN A 119 14.39 -4.77 22.02
N GLU A 120 14.58 -6.08 22.08
CA GLU A 120 13.64 -6.92 22.78
C GLU A 120 13.65 -6.68 24.29
N ILE A 121 12.57 -7.08 24.94
CA ILE A 121 12.46 -7.08 26.38
C ILE A 121 13.34 -8.12 27.05
N HIS A 122 13.54 -7.95 28.35
CA HIS A 122 14.20 -8.94 29.19
C HIS A 122 13.27 -9.23 30.37
N ALA A 123 12.20 -9.97 30.12
CA ALA A 123 11.22 -10.23 31.17
C ALA A 123 11.48 -11.55 31.92
N ASN A 124 12.66 -12.14 31.71
CA ASN A 124 13.05 -13.38 32.39
C ASN A 124 12.10 -14.53 32.01
N VAL A 125 11.96 -14.73 30.70
CA VAL A 125 11.07 -15.73 30.13
C VAL A 125 11.83 -16.80 29.33
N MET A 126 12.79 -16.38 28.50
CA MET A 126 13.46 -17.28 27.55
C MET A 126 14.83 -17.70 28.07
N PRO A 127 15.12 -19.01 28.06
CA PRO A 127 14.29 -20.13 27.59
C PRO A 127 13.20 -20.50 28.57
N HIS A 128 12.02 -20.82 28.05
CA HIS A 128 10.91 -21.20 28.91
C HIS A 128 11.07 -22.63 29.38
N SER A 129 11.65 -23.47 28.53
CA SER A 129 11.93 -24.86 28.85
C SER A 129 13.27 -25.25 28.27
N THR A 130 13.96 -26.15 28.97
CA THR A 130 15.18 -26.75 28.45
C THR A 130 15.07 -28.27 28.49
N THR A 131 13.84 -28.77 28.43
CA THR A 131 13.60 -30.21 28.50
C THR A 131 14.39 -30.95 27.41
N SER A 132 15.14 -31.96 27.86
CA SER A 132 15.96 -32.85 27.04
C SER A 132 17.33 -32.27 26.67
N CYS A 133 17.57 -31.01 27.02
CA CYS A 133 18.86 -30.38 26.76
C CYS A 133 19.96 -30.96 27.65
N ALA A 134 21.19 -30.91 27.16
CA ALA A 134 22.34 -31.39 27.92
C ALA A 134 22.53 -30.63 29.22
N SER A 135 22.21 -29.34 29.20
CA SER A 135 22.26 -28.53 30.42
C SER A 135 21.00 -27.69 30.57
N ARG A 136 20.81 -27.19 31.79
CA ARG A 136 19.69 -26.34 32.14
C ARG A 136 20.11 -24.86 32.09
N ALA A 137 19.12 -23.98 32.09
CA ALA A 137 19.34 -22.54 32.19
C ALA A 137 18.09 -21.90 32.74
N ASP A 138 18.26 -20.83 33.50
CA ASP A 138 17.12 -20.09 34.05
C ASP A 138 16.49 -19.24 32.98
N PRO A 139 15.15 -19.07 33.03
CA PRO A 139 14.50 -18.05 32.19
C PRO A 139 15.20 -16.70 32.32
N GLY A 140 15.48 -16.09 31.18
CA GLY A 140 16.26 -14.86 31.11
C GLY A 140 17.63 -15.08 30.47
N ALA A 141 18.15 -16.30 30.59
CA ALA A 141 19.52 -16.58 30.14
C ALA A 141 19.74 -16.32 28.66
N ALA A 142 18.69 -16.47 27.84
CA ALA A 142 18.84 -16.29 26.40
C ALA A 142 18.54 -14.87 25.93
N GLU A 143 18.06 -14.02 26.83
CA GLU A 143 17.53 -12.71 26.45
C GLU A 143 18.61 -11.65 26.29
N VAL A 144 18.29 -10.57 25.59
CA VAL A 144 19.23 -9.47 25.46
C VAL A 144 19.62 -8.98 26.85
N ALA A 145 20.86 -8.50 26.97
CA ALA A 145 21.37 -8.05 28.26
C ALA A 145 20.44 -6.99 28.82
N LYS A 146 20.22 -7.00 30.13
CA LYS A 146 19.33 -6.02 30.76
C LYS A 146 19.76 -4.60 30.41
N SER A 147 21.06 -4.36 30.30
CA SER A 147 21.56 -3.02 30.03
C SER A 147 21.23 -2.51 28.64
N ILE A 148 20.76 -3.39 27.74
CA ILE A 148 20.28 -2.94 26.43
C ILE A 148 18.81 -3.29 26.18
N GLU A 149 18.08 -3.68 27.23
CA GLU A 149 16.67 -4.04 27.09
C GLU A 149 15.87 -2.92 26.42
N GLY A 150 14.98 -3.31 25.51
CA GLY A 150 14.02 -2.40 24.92
C GLY A 150 12.60 -2.79 25.31
N PHE A 151 11.65 -2.54 24.41
CA PHE A 151 10.25 -2.80 24.67
C PHE A 151 9.63 -3.82 23.72
N ALA A 152 10.40 -4.34 22.77
CA ALA A 152 9.83 -5.19 21.73
C ALA A 152 9.59 -6.60 22.24
N MET A 153 8.47 -7.20 21.84
CA MET A 153 8.17 -8.57 22.22
C MET A 153 9.16 -9.52 21.56
N TYR A 154 9.37 -10.67 22.19
CA TYR A 154 10.20 -11.74 21.63
C TYR A 154 9.78 -12.04 20.21
N ALA A 155 10.76 -12.40 19.38
CA ALA A 155 10.50 -12.60 17.96
C ALA A 155 9.53 -13.74 17.70
N GLY A 156 9.60 -14.78 18.51
CA GLY A 156 8.75 -15.94 18.33
C GLY A 156 8.98 -16.93 19.44
N TYR A 157 8.23 -18.03 19.41
CA TYR A 157 8.32 -19.06 20.44
C TYR A 157 7.83 -20.38 19.84
N LEU A 158 8.63 -21.43 20.00
CA LEU A 158 8.43 -22.74 19.34
C LEU A 158 8.53 -22.56 17.82
N THR A 159 8.44 -23.66 17.07
CA THR A 159 8.65 -23.54 15.62
C THR A 159 7.54 -22.76 14.94
N HIS A 160 6.33 -22.82 15.49
CA HIS A 160 5.18 -22.16 14.89
C HIS A 160 4.04 -22.08 15.88
N CYS A 161 3.07 -21.24 15.56
CA CYS A 161 1.90 -21.02 16.40
C CYS A 161 0.63 -21.16 15.56
N PRO A 162 -0.33 -21.99 16.01
CA PRO A 162 -0.34 -22.81 17.23
C PRO A 162 0.56 -24.03 17.07
N TYR A 163 1.43 -24.29 18.04
CA TYR A 163 2.41 -25.36 17.86
C TYR A 163 1.74 -26.74 17.82
N ASN A 164 0.68 -26.93 18.60
CA ASN A 164 -0.07 -28.17 18.54
C ASN A 164 -1.57 -27.89 18.54
N VAL A 165 -2.39 -28.91 18.31
CA VAL A 165 -3.81 -28.67 18.13
C VAL A 165 -4.50 -28.29 19.43
N ASN A 166 -3.87 -28.60 20.57
CA ASN A 166 -4.42 -28.24 21.86
C ASN A 166 -4.32 -26.75 22.11
N VAL A 167 -3.23 -26.13 21.66
CA VAL A 167 -3.10 -24.68 21.71
C VAL A 167 -4.29 -24.08 20.98
N TYR A 168 -4.55 -24.57 19.76
CA TYR A 168 -5.63 -24.04 18.95
C TYR A 168 -7.01 -24.32 19.53
N ARG A 169 -7.25 -25.55 19.96
CA ARG A 169 -8.61 -25.95 20.30
C ARG A 169 -8.99 -25.65 21.77
N GLN A 170 -8.01 -25.64 22.67
CA GLN A 170 -8.27 -25.43 24.09
C GLN A 170 -8.04 -23.98 24.54
N ASP A 171 -7.17 -23.26 23.83
CA ASP A 171 -6.87 -21.88 24.20
C ASP A 171 -7.43 -20.88 23.21
N MET A 172 -7.17 -21.06 21.93
CA MET A 172 -7.57 -20.06 20.93
C MET A 172 -9.06 -20.09 20.60
N VAL A 173 -9.59 -21.21 20.10
CA VAL A 173 -10.95 -21.20 19.56
C VAL A 173 -12.02 -20.93 20.62
N THR A 174 -11.74 -21.29 21.87
CA THR A 174 -12.69 -21.09 22.96
C THR A 174 -12.46 -19.76 23.71
N ASP A 175 -11.58 -18.92 23.15
CA ASP A 175 -11.35 -17.57 23.65
C ASP A 175 -12.37 -16.64 23.00
N LYS A 176 -13.15 -15.93 23.80
CA LYS A 176 -14.22 -15.10 23.26
C LYS A 176 -13.69 -13.90 22.45
N GLU A 177 -12.41 -13.60 22.56
CA GLU A 177 -11.80 -12.54 21.76
C GLU A 177 -11.16 -13.05 20.47
N PHE A 178 -11.05 -14.36 20.34
CA PHE A 178 -10.44 -14.97 19.16
C PHE A 178 -11.50 -15.21 18.10
N ASP A 179 -11.12 -15.03 16.84
CA ASP A 179 -12.00 -15.36 15.72
C ASP A 179 -11.17 -16.02 14.63
N SER A 180 -11.57 -17.20 14.19
CA SER A 180 -10.73 -17.98 13.27
C SER A 180 -10.63 -17.37 11.88
N THR A 181 -11.60 -16.52 11.51
CA THR A 181 -11.55 -15.85 10.22
C THR A 181 -10.62 -14.64 10.28
N VAL A 182 -10.82 -13.82 11.31
CA VAL A 182 -9.95 -12.67 11.51
C VAL A 182 -8.50 -13.14 11.70
N CYS A 183 -8.35 -14.23 12.45
CA CYS A 183 -7.02 -14.78 12.76
C CYS A 183 -6.67 -15.97 11.88
N ASN A 184 -6.97 -15.89 10.60
CA ASN A 184 -6.83 -17.05 9.73
C ASN A 184 -5.37 -17.35 9.37
N PHE A 185 -4.46 -16.53 9.87
CA PHE A 185 -3.03 -16.67 9.62
C PHE A 185 -2.34 -17.31 10.82
N VAL A 186 -3.12 -17.74 11.81
CA VAL A 186 -2.56 -18.40 12.97
C VAL A 186 -3.54 -19.46 13.46
N THR A 187 -3.77 -20.46 12.59
CA THR A 187 -4.67 -21.57 12.89
C THR A 187 -3.96 -22.91 12.68
N GLU A 188 -4.66 -23.99 13.05
CA GLU A 188 -4.19 -25.35 12.78
C GLU A 188 -3.74 -25.54 11.35
N SER A 189 -4.59 -25.11 10.42
CA SER A 189 -4.39 -25.37 9.01
C SER A 189 -3.49 -24.34 8.34
N ASN A 190 -3.30 -23.19 9.00
CA ASN A 190 -2.43 -22.15 8.48
C ASN A 190 -1.65 -21.48 9.61
N PRO A 191 -0.64 -22.17 10.13
CA PRO A 191 0.04 -21.63 11.30
C PRO A 191 1.00 -20.50 10.97
N LEU A 192 1.29 -19.70 11.98
CA LEU A 192 2.25 -18.61 11.88
C LEU A 192 3.64 -19.18 12.17
N ARG A 193 4.54 -19.07 11.20
CA ARG A 193 5.83 -19.75 11.29
C ARG A 193 6.93 -18.89 11.90
N PHE A 194 7.65 -19.44 12.86
CA PHE A 194 8.85 -18.82 13.40
C PHE A 194 10.05 -19.50 12.76
N LEU A 195 10.16 -20.80 12.99
CA LEU A 195 11.15 -21.62 12.29
C LEU A 195 10.40 -22.49 11.30
N ASP A 196 10.46 -22.09 10.03
CA ASP A 196 9.71 -22.76 8.97
C ASP A 196 10.46 -23.99 8.49
N THR A 197 10.01 -25.14 8.96
CA THR A 197 10.70 -26.40 8.67
C THR A 197 10.35 -26.93 7.29
N THR A 198 9.38 -26.28 6.64
CA THR A 198 9.01 -26.64 5.26
C THR A 198 9.98 -26.02 4.25
N GLN A 199 10.94 -25.23 4.75
CA GLN A 199 11.95 -24.61 3.92
C GLN A 199 13.34 -24.84 4.50
N ARG A 200 13.87 -26.04 4.30
CA ARG A 200 15.19 -26.39 4.83
C ARG A 200 16.29 -25.65 4.06
N GLN A 201 17.46 -25.58 4.68
CA GLN A 201 18.63 -24.96 4.07
C GLN A 201 19.85 -25.87 4.17
N SER A 202 20.90 -25.52 3.44
CA SER A 202 22.16 -26.25 3.51
C SER A 202 22.79 -26.10 4.90
N THR A 203 22.55 -24.94 5.52
CA THR A 203 23.12 -24.62 6.82
C THR A 203 22.30 -25.22 7.97
N GLN A 204 20.97 -25.20 7.83
CA GLN A 204 20.08 -25.65 8.89
C GLN A 204 18.74 -26.15 8.34
N PRO A 205 18.02 -26.97 9.11
CA PRO A 205 16.79 -27.62 8.63
C PRO A 205 15.53 -26.75 8.68
N TYR A 206 15.68 -25.45 8.52
CA TYR A 206 14.55 -24.53 8.53
C TYR A 206 14.98 -23.15 8.07
N THR A 207 13.99 -22.32 7.74
CA THR A 207 14.24 -20.92 7.48
C THR A 207 13.63 -20.11 8.64
N GLU A 208 14.40 -19.15 9.15
CA GLU A 208 13.99 -18.35 10.29
C GLU A 208 13.16 -17.15 9.87
N TYR A 209 11.99 -16.99 10.50
CA TYR A 209 11.15 -15.82 10.32
C TYR A 209 10.90 -15.19 11.69
N ALA A 210 9.66 -14.79 11.96
CA ALA A 210 9.29 -14.16 13.22
C ALA A 210 7.78 -14.05 13.28
N PHE A 211 7.22 -13.98 14.48
CA PHE A 211 5.78 -13.76 14.62
C PHE A 211 5.39 -12.30 14.34
N HIS A 212 6.37 -11.39 14.37
CA HIS A 212 6.14 -9.97 14.14
C HIS A 212 7.45 -9.31 13.78
N GLY A 213 7.38 -8.13 13.16
CA GLY A 213 8.56 -7.39 12.77
C GLY A 213 9.08 -7.74 11.39
N LYS A 214 9.98 -6.92 10.88
CA LYS A 214 10.56 -7.12 9.56
C LYS A 214 12.05 -7.42 9.61
N GLY A 215 12.56 -7.64 10.83
CA GLY A 215 13.92 -8.11 11.02
C GLY A 215 14.92 -7.02 11.29
N GLY A 216 16.10 -7.43 11.78
CA GLY A 216 17.22 -6.53 11.93
C GLY A 216 17.41 -6.03 13.35
N HIS A 217 16.64 -6.57 14.29
CA HIS A 217 16.61 -6.05 15.66
C HIS A 217 17.39 -6.94 16.62
N LYS A 218 17.81 -6.37 17.75
CA LYS A 218 18.48 -7.13 18.79
C LYS A 218 17.47 -7.91 19.62
N GLY A 219 17.62 -9.23 19.63
CA GLY A 219 16.65 -10.10 20.29
C GLY A 219 17.28 -11.31 20.96
N TYR A 220 16.43 -12.13 21.55
CA TYR A 220 16.92 -13.27 22.32
C TYR A 220 17.47 -14.34 21.40
N ASP A 221 18.42 -15.10 21.94
CA ASP A 221 19.07 -16.19 21.23
C ASP A 221 18.19 -17.43 21.31
N TYR A 222 17.29 -17.58 20.35
CA TYR A 222 16.31 -18.66 20.39
C TYR A 222 17.00 -20.00 20.17
N LYS A 223 18.08 -19.99 19.39
CA LYS A 223 18.73 -21.24 18.99
C LYS A 223 19.70 -21.77 20.03
N GLY A 224 20.46 -20.87 20.65
CA GLY A 224 21.56 -21.29 21.49
C GLY A 224 22.75 -21.65 20.61
N GLN A 225 23.87 -21.97 21.26
CA GLN A 225 25.13 -22.18 20.56
C GLN A 225 25.28 -23.59 20.01
N THR A 226 24.42 -24.50 20.43
CA THR A 226 24.54 -25.90 20.04
C THR A 226 23.62 -26.23 18.86
N SER A 227 23.71 -27.45 18.34
CA SER A 227 22.88 -27.84 17.22
C SER A 227 21.50 -28.32 17.71
N HIS A 228 21.35 -28.43 19.03
CA HIS A 228 20.07 -28.79 19.63
C HIS A 228 19.30 -27.50 19.88
N VAL A 229 18.40 -27.17 18.96
CA VAL A 229 17.76 -25.86 18.91
C VAL A 229 17.01 -25.53 20.20
N GLY A 230 17.38 -24.41 20.81
CA GLY A 230 16.73 -23.96 22.04
C GLY A 230 17.52 -24.24 23.30
N CYS A 231 18.63 -24.98 23.17
CA CYS A 231 19.37 -25.40 24.35
C CYS A 231 20.52 -24.47 24.74
N PRO A 232 20.86 -24.42 26.04
CA PRO A 232 22.00 -23.61 26.47
C PRO A 232 23.32 -24.17 25.99
N PRO A 233 24.38 -23.34 25.96
CA PRO A 233 24.42 -21.93 26.36
C PRO A 233 23.95 -20.98 25.27
N TYR A 234 23.74 -19.72 25.65
CA TYR A 234 23.24 -18.71 24.73
C TYR A 234 24.26 -17.60 24.58
N ASN A 235 24.18 -16.87 23.46
CA ASN A 235 25.08 -15.77 23.21
C ASN A 235 24.33 -14.62 22.57
N PRO A 236 23.41 -14.02 23.33
CA PRO A 236 22.69 -12.85 22.80
C PRO A 236 23.65 -11.67 22.65
N PRO A 237 23.28 -10.66 21.85
CA PRO A 237 22.01 -10.57 21.14
C PRO A 237 22.02 -11.34 19.82
N HIS A 238 20.85 -11.78 19.40
CA HIS A 238 20.63 -12.41 18.11
C HIS A 238 19.87 -11.46 17.20
N VAL A 239 20.27 -11.34 15.94
CA VAL A 239 19.59 -10.41 15.04
C VAL A 239 18.34 -11.08 14.48
N THR A 240 17.18 -10.44 14.69
CA THR A 240 15.92 -11.04 14.29
C THR A 240 15.73 -11.04 12.78
N LYS A 241 14.89 -11.97 12.34
CA LYS A 241 14.41 -12.00 10.97
C LYS A 241 13.01 -11.40 10.91
N GLY A 242 12.46 -11.29 9.71
CA GLY A 242 11.12 -10.75 9.53
C GLY A 242 10.05 -11.81 9.43
N MET A 243 8.79 -11.40 9.50
CA MET A 243 7.67 -12.30 9.26
C MET A 243 7.78 -12.91 7.87
N LYS A 244 7.31 -14.14 7.73
CA LYS A 244 7.26 -14.79 6.43
C LYS A 244 6.34 -13.99 5.49
N ASP A 245 5.22 -13.50 6.02
CA ASP A 245 4.28 -12.73 5.22
C ASP A 245 3.62 -11.61 6.02
N SER A 246 4.10 -10.39 5.78
CA SER A 246 3.54 -9.20 6.44
C SER A 246 2.66 -8.40 5.48
N SER A 247 2.44 -8.92 4.28
CA SER A 247 1.82 -8.14 3.22
C SER A 247 0.38 -7.70 3.51
N TRP A 248 -0.32 -8.44 4.37
CA TRP A 248 -1.71 -8.12 4.69
C TRP A 248 -1.80 -7.00 5.74
N ILE A 249 -0.67 -6.67 6.34
CA ILE A 249 -0.64 -5.63 7.38
C ILE A 249 -0.40 -4.28 6.72
N THR A 250 -1.50 -3.66 6.30
CA THR A 250 -1.42 -2.48 5.45
C THR A 250 -1.58 -1.17 6.22
N GLY A 251 -1.96 -1.25 7.48
CA GLY A 251 -2.21 -0.06 8.27
C GLY A 251 -2.26 -0.38 9.75
N PRO A 252 -2.43 0.65 10.58
CA PRO A 252 -2.41 0.43 12.03
C PRO A 252 -3.46 -0.54 12.53
N PHE A 253 -4.67 -0.57 11.96
CA PHE A 253 -5.66 -1.52 12.46
C PHE A 253 -5.25 -2.96 12.17
N GLU A 254 -4.71 -3.21 10.98
CA GLU A 254 -4.24 -4.54 10.66
C GLU A 254 -3.11 -4.97 11.60
N CYS A 255 -2.29 -4.01 12.01
CA CYS A 255 -1.24 -4.28 12.99
C CYS A 255 -1.85 -4.73 14.32
N SER A 256 -2.95 -4.10 14.74
CA SER A 256 -3.62 -4.50 15.98
C SER A 256 -4.15 -5.94 15.88
N ILE A 257 -4.55 -6.37 14.68
CA ILE A 257 -5.05 -7.73 14.50
C ILE A 257 -3.94 -8.74 14.76
N LEU A 258 -2.71 -8.41 14.33
CA LEU A 258 -1.59 -9.30 14.62
C LEU A 258 -1.48 -9.53 16.13
N SER A 259 -1.64 -8.46 16.92
CA SER A 259 -1.62 -8.61 18.37
C SER A 259 -2.79 -9.42 18.90
N ARG A 260 -3.99 -9.08 18.47
CA ARG A 260 -5.21 -9.76 18.90
C ARG A 260 -5.07 -11.28 18.79
N CYS A 261 -4.50 -11.70 17.66
CA CYS A 261 -4.54 -13.11 17.29
C CYS A 261 -3.40 -13.96 17.85
N THR A 262 -2.35 -13.32 18.38
CA THR A 262 -1.15 -14.07 18.76
C THR A 262 -0.92 -14.23 20.27
N THR A 263 -1.86 -13.77 21.10
CA THR A 263 -1.76 -13.94 22.55
C THR A 263 -1.34 -15.34 22.98
N HIS A 264 -2.00 -16.36 22.44
CA HIS A 264 -1.78 -17.72 22.94
C HIS A 264 -0.52 -18.38 22.37
N CYS A 265 0.19 -17.66 21.51
CA CYS A 265 1.48 -18.11 21.00
C CYS A 265 2.58 -18.01 22.05
N TRP A 266 2.34 -17.24 23.10
CA TRP A 266 3.34 -17.01 24.14
C TRP A 266 3.09 -17.90 25.33
N PRO A 267 4.15 -18.36 26.00
CA PRO A 267 3.95 -19.25 27.13
C PRO A 267 3.55 -18.49 28.40
N TYR A 268 2.63 -19.08 29.16
CA TYR A 268 2.35 -18.60 30.50
C TYR A 268 2.33 -19.75 31.50
N LYS A 269 3.07 -19.56 32.59
CA LYS A 269 3.04 -20.48 33.73
C LYS A 269 2.91 -19.64 34.99
N SER A 270 2.09 -20.14 35.93
CA SER A 270 1.75 -19.41 37.15
C SER A 270 2.96 -18.73 37.77
N GLY A 271 2.82 -17.45 38.05
CA GLY A 271 3.90 -16.67 38.64
C GLY A 271 4.78 -15.93 37.62
N GLY A 272 4.67 -16.31 36.34
CA GLY A 272 5.48 -15.71 35.29
C GLY A 272 4.71 -14.61 34.59
N ASN A 273 5.39 -13.89 33.68
CA ASN A 273 4.71 -12.89 32.87
C ASN A 273 3.63 -13.50 32.00
N CYS A 274 2.46 -12.87 32.03
CA CYS A 274 1.32 -13.27 31.21
C CYS A 274 1.16 -12.23 30.11
N PHE A 275 1.38 -12.65 28.87
CA PHE A 275 1.37 -11.76 27.71
C PHE A 275 0.04 -11.84 27.00
N ARG A 276 -0.71 -10.75 27.00
CA ARG A 276 -2.01 -10.71 26.34
C ARG A 276 -2.35 -9.29 25.91
N SER A 277 -3.05 -9.20 24.78
CA SER A 277 -3.51 -7.92 24.25
C SER A 277 -2.39 -6.91 24.15
N LEU A 278 -1.27 -7.34 23.57
CA LEU A 278 -0.07 -6.53 23.53
C LEU A 278 -0.26 -5.32 22.62
N PRO A 279 0.26 -4.16 23.05
CA PRO A 279 0.29 -3.02 22.13
C PRO A 279 1.36 -3.22 21.06
N ALA A 280 1.36 -2.36 20.05
CA ALA A 280 2.28 -2.49 18.94
C ALA A 280 2.66 -1.14 18.37
N MET A 281 3.81 -1.11 17.70
CA MET A 281 4.25 0.03 16.91
C MET A 281 4.11 -0.28 15.43
N PHE A 282 3.43 0.60 14.69
CA PHE A 282 3.37 0.50 13.25
C PHE A 282 4.17 1.63 12.62
N ASP A 283 4.96 1.29 11.60
CA ASP A 283 5.74 2.27 10.86
C ASP A 283 5.07 2.53 9.51
N MET A 284 4.50 3.72 9.35
CA MET A 284 3.74 4.08 8.14
C MET A 284 4.62 4.05 6.89
N SER A 285 5.92 4.27 7.06
CA SER A 285 6.78 4.38 5.90
C SER A 285 7.26 3.01 5.40
N THR A 286 7.45 2.06 6.32
CA THR A 286 8.00 0.75 5.95
C THR A 286 6.97 -0.38 6.00
N GLY A 287 5.84 -0.14 6.68
CA GLY A 287 4.84 -1.16 6.89
C GLY A 287 5.18 -2.13 8.02
N GLU A 288 6.26 -1.90 8.75
CA GLU A 288 6.61 -2.80 9.82
C GLU A 288 5.63 -2.71 10.99
N CYS A 289 5.16 -3.87 11.44
CA CYS A 289 4.34 -4.01 12.64
C CYS A 289 5.15 -4.75 13.70
N ARG A 290 5.44 -4.07 14.82
CA ARG A 290 6.26 -4.65 15.87
C ARG A 290 5.46 -4.72 17.17
N LEU A 291 5.26 -5.92 17.70
CA LEU A 291 4.58 -6.11 18.97
C LEU A 291 5.49 -5.65 20.10
N LEU A 292 4.90 -4.98 21.09
CA LEU A 292 5.60 -4.58 22.30
C LEU A 292 5.29 -5.57 23.42
N GLY A 293 6.27 -5.88 24.24
CA GLY A 293 6.10 -6.87 25.29
C GLY A 293 5.51 -6.32 26.58
N TYR A 294 5.48 -4.99 26.68
CA TYR A 294 5.05 -4.30 27.89
C TYR A 294 3.90 -3.34 27.62
N HIS A 295 2.95 -3.30 28.55
CA HIS A 295 1.81 -2.37 28.49
C HIS A 295 2.15 -1.00 29.05
N THR A 296 3.17 -0.95 29.91
CA THR A 296 3.59 0.30 30.54
C THR A 296 3.89 1.35 29.48
N GLN A 297 3.39 2.57 29.69
CA GLN A 297 3.70 3.68 28.79
C GLN A 297 4.50 4.80 29.46
N ASP A 298 4.46 4.85 30.79
CA ASP A 298 5.19 5.87 31.56
C ASP A 298 5.65 5.27 32.89
N PHE A 299 6.91 5.45 33.22
CA PHE A 299 7.43 5.00 34.52
C PHE A 299 8.54 5.96 34.89
N ARG A 300 8.41 6.61 36.04
CA ARG A 300 9.36 7.65 36.43
C ARG A 300 9.53 7.70 37.95
N SER A 301 9.21 6.60 38.60
CA SER A 301 9.42 6.46 40.04
C SER A 301 10.88 6.52 40.45
N SER A 302 11.12 6.74 41.74
CA SER A 302 12.47 6.78 42.26
C SER A 302 13.24 5.48 42.03
N THR A 303 12.51 4.39 41.81
CA THR A 303 13.11 3.10 41.58
C THR A 303 13.37 2.77 40.11
N CYS A 304 12.96 3.66 39.20
CA CYS A 304 13.12 3.36 37.78
C CYS A 304 14.60 3.43 37.41
N ALA A 305 15.02 2.56 36.49
CA ALA A 305 16.39 2.53 36.01
C ALA A 305 16.59 3.57 34.92
N GLU A 306 17.58 4.44 35.09
CA GLU A 306 17.85 5.49 34.11
C GLU A 306 18.81 5.01 33.02
N LEU A 307 18.21 4.61 31.90
CA LEU A 307 18.88 4.26 30.63
C LEU A 307 19.65 2.93 30.64
N THR A 308 20.41 2.66 31.70
CA THR A 308 21.12 1.40 31.82
C THR A 308 21.09 0.87 33.24
N THR A 309 20.89 -0.44 33.36
CA THR A 309 21.02 -1.14 34.63
C THR A 309 21.30 -2.61 34.36
N ASP A 310 21.82 -3.31 35.36
CA ASP A 310 21.97 -4.76 35.30
C ASP A 310 20.89 -5.50 36.10
N ASP A 311 20.10 -4.75 36.85
CA ASP A 311 19.11 -5.34 37.77
C ASP A 311 17.90 -5.82 37.00
N THR A 312 17.76 -7.13 36.86
CA THR A 312 16.68 -7.69 36.05
C THR A 312 15.33 -7.62 36.77
N ASN A 313 15.31 -7.14 38.01
CA ASN A 313 14.05 -6.90 38.70
C ASN A 313 13.62 -5.44 38.61
N ALA A 314 14.45 -4.60 37.98
CA ALA A 314 14.11 -3.19 37.80
C ALA A 314 13.40 -2.97 36.47
N PHE A 315 12.69 -1.86 36.39
CA PHE A 315 12.02 -1.43 35.17
C PHE A 315 12.57 -0.06 34.78
N TYR A 316 12.77 0.15 33.49
CA TYR A 316 13.37 1.37 33.00
C TYR A 316 12.46 2.59 33.05
N CYS A 317 13.08 3.74 33.28
CA CYS A 317 12.41 5.03 33.16
C CYS A 317 11.99 5.20 31.71
N VAL A 318 10.68 5.34 31.47
CA VAL A 318 10.19 5.55 30.11
C VAL A 318 9.06 6.55 30.13
N ARG A 319 8.80 7.19 29.00
CA ARG A 319 7.59 8.00 28.86
C ARG A 319 7.26 8.15 27.40
N PRO A 320 5.98 8.42 27.09
CA PRO A 320 5.65 8.64 25.69
C PRO A 320 6.19 9.97 25.18
N MET A 321 6.64 9.98 23.93
CA MET A 321 7.12 11.20 23.30
C MET A 321 6.68 11.27 21.86
N LYS A 322 6.42 12.48 21.39
CA LYS A 322 6.26 12.75 19.97
C LYS A 322 7.26 13.80 19.53
N THR A 323 7.82 13.62 18.35
CA THR A 323 8.69 14.63 17.74
C THR A 323 8.33 14.71 16.27
N ALA A 324 8.79 15.75 15.57
CA ALA A 324 8.53 15.81 14.15
C ALA A 324 9.02 14.52 13.49
N ALA A 325 10.20 14.07 13.89
CA ALA A 325 10.83 12.90 13.29
C ALA A 325 10.11 11.58 13.59
N SER A 326 9.31 11.54 14.66
CA SER A 326 8.58 10.31 14.98
C SER A 326 7.24 10.20 14.24
N SER A 327 6.97 11.09 13.29
CA SER A 327 5.64 11.17 12.68
C SER A 327 5.28 10.01 11.77
N ASN A 328 6.23 9.13 11.49
CA ASN A 328 5.95 7.91 10.75
C ASN A 328 5.49 6.76 11.65
N MET A 329 5.67 6.93 12.96
CA MET A 329 5.37 5.87 13.92
C MET A 329 3.97 6.02 14.48
N VAL A 330 3.38 4.88 14.83
CA VAL A 330 2.03 4.83 15.36
C VAL A 330 1.99 3.85 16.53
N TYR A 331 1.51 4.32 17.68
CA TYR A 331 1.26 3.48 18.83
C TYR A 331 -0.15 2.93 18.73
N VAL A 332 -0.24 1.61 18.66
CA VAL A 332 -1.48 0.91 18.37
C VAL A 332 -1.80 -0.07 19.50
N THR A 333 -2.99 0.04 20.10
CA THR A 333 -3.37 -0.96 21.08
C THR A 333 -4.03 -2.16 20.40
N SER A 334 -4.07 -3.27 21.13
CA SER A 334 -4.62 -4.52 20.62
C SER A 334 -6.09 -4.33 20.27
N HIS A 335 -6.74 -3.40 20.96
CA HIS A 335 -8.16 -3.15 20.78
C HIS A 335 -8.40 -1.84 20.00
N THR A 336 -7.83 -1.78 18.82
CA THR A 336 -8.03 -0.65 17.92
C THR A 336 -9.37 -0.82 17.21
N ARG A 337 -10.14 0.26 17.07
CA ARG A 337 -11.47 0.16 16.48
C ARG A 337 -11.34 0.13 14.95
N PRO A 338 -12.11 -0.76 14.30
CA PRO A 338 -11.95 -1.00 12.87
C PRO A 338 -12.49 0.14 12.01
N ASP A 339 -13.26 1.03 12.64
CA ASP A 339 -13.81 2.20 11.97
C ASP A 339 -12.97 3.45 12.31
N HIS A 340 -11.69 3.27 12.63
CA HIS A 340 -10.90 4.37 13.14
C HIS A 340 -10.72 5.51 12.14
N GLU A 341 -10.74 5.22 10.84
CA GLU A 341 -10.59 6.29 9.86
C GLU A 341 -11.70 7.33 9.95
N THR A 342 -12.89 6.92 10.39
CA THR A 342 -14.02 7.84 10.47
C THR A 342 -14.36 8.21 11.90
N LYS A 343 -13.68 7.60 12.87
CA LYS A 343 -13.96 7.82 14.29
C LYS A 343 -12.81 8.47 15.04
N CYS A 344 -11.64 8.52 14.40
CA CYS A 344 -10.42 8.99 15.04
C CYS A 344 -9.69 10.00 14.18
N PRO A 345 -8.82 10.83 14.79
CA PRO A 345 -8.10 11.81 13.98
C PRO A 345 -7.07 11.17 13.06
N PRO A 346 -6.80 11.82 11.92
CA PRO A 346 -5.76 11.36 11.01
C PRO A 346 -4.36 11.67 11.55
N ARG A 347 -3.36 11.15 10.85
CA ARG A 347 -1.97 11.33 11.25
C ARG A 347 -1.51 12.77 11.21
N GLU A 348 -1.88 13.48 10.16
CA GLU A 348 -1.32 14.79 9.91
C GLU A 348 -2.05 15.91 10.64
N PRO A 349 -1.30 16.91 11.12
CA PRO A 349 -2.00 18.13 11.56
C PRO A 349 -2.78 18.75 10.42
N LEU A 350 -3.70 19.65 10.74
CA LEU A 350 -4.53 20.27 9.72
C LEU A 350 -4.02 21.68 9.45
N LYS A 351 -3.52 21.92 8.24
CA LYS A 351 -2.96 23.23 7.92
C LYS A 351 -4.06 24.25 7.65
N ASN A 352 -3.77 25.48 8.04
CA ASN A 352 -4.56 26.65 7.67
C ASN A 352 -5.99 26.62 8.17
N VAL A 353 -6.21 26.00 9.33
CA VAL A 353 -7.54 26.02 9.94
C VAL A 353 -7.47 26.20 11.44
N ARG A 354 -8.59 26.63 11.99
CA ARG A 354 -8.77 26.87 13.43
C ARG A 354 -9.98 26.08 13.94
N TRP A 355 -9.87 25.40 15.09
CA TRP A 355 -11.02 24.68 15.65
C TRP A 355 -12.15 25.62 16.02
N GLY A 356 -13.39 25.23 15.70
CA GLY A 356 -14.54 26.02 16.07
C GLY A 356 -15.79 25.21 16.37
N VAL A 357 -16.86 25.93 16.71
CA VAL A 357 -18.19 25.33 16.88
C VAL A 357 -19.15 26.12 15.99
N VAL A 358 -20.27 25.51 15.61
CA VAL A 358 -21.17 26.16 14.67
C VAL A 358 -21.86 27.35 15.35
N SER A 359 -22.00 28.43 14.59
CA SER A 359 -22.67 29.62 15.06
C SER A 359 -23.71 30.05 14.02
N LYS A 360 -24.95 30.20 14.45
CA LYS A 360 -26.03 30.65 13.58
C LYS A 360 -26.16 29.82 12.30
N GLY A 361 -26.07 28.51 12.45
CA GLY A 361 -26.37 27.59 11.38
C GLY A 361 -25.29 27.38 10.33
N LYS A 362 -24.79 28.46 9.75
CA LYS A 362 -23.88 28.35 8.59
C LYS A 362 -22.56 29.08 8.80
N TYR A 363 -22.25 29.42 10.05
CA TYR A 363 -20.97 30.04 10.38
C TYR A 363 -20.26 29.24 11.45
N CYS A 364 -19.00 29.59 11.68
CA CYS A 364 -18.16 28.91 12.65
C CYS A 364 -17.54 29.98 13.53
N LYS A 365 -17.57 29.76 14.85
CA LYS A 365 -16.84 30.65 15.76
C LYS A 365 -15.77 29.84 16.48
N PRO A 366 -14.63 30.47 16.78
CA PRO A 366 -13.57 29.70 17.43
C PRO A 366 -14.02 29.21 18.79
N MET A 367 -13.49 28.07 19.18
CA MET A 367 -13.78 27.53 20.48
C MET A 367 -13.15 28.44 21.53
N ASN A 368 -13.61 28.32 22.76
CA ASN A 368 -13.09 29.11 23.87
C ASN A 368 -11.89 28.41 24.49
N ALA A 369 -10.73 29.07 24.41
CA ALA A 369 -9.50 28.49 24.92
C ALA A 369 -9.58 28.29 26.42
N ARG A 370 -9.10 27.14 26.88
CA ARG A 370 -8.90 26.87 28.29
C ARG A 370 -7.60 27.48 28.77
N ALA A 371 -6.63 27.54 27.87
CA ALA A 371 -5.27 27.93 28.21
C ALA A 371 -4.51 28.30 26.96
N SER A 372 -3.40 29.01 27.12
CA SER A 372 -2.53 29.31 25.99
C SER A 372 -1.07 29.26 26.38
N LEU A 373 -0.22 29.06 25.38
CA LEU A 373 1.23 29.03 25.54
C LEU A 373 1.80 29.99 24.51
N SER A 374 2.63 30.94 24.94
CA SER A 374 3.17 31.95 24.04
C SER A 374 4.58 31.62 23.53
N ASN A 375 4.91 32.18 22.38
CA ASN A 375 6.24 32.03 21.78
C ASN A 375 6.68 30.58 21.61
N ALA A 376 5.75 29.73 21.15
CA ALA A 376 6.02 28.32 20.92
C ALA A 376 6.16 28.07 19.43
N THR A 377 6.80 26.97 19.07
CA THR A 377 6.76 26.48 17.70
C THR A 377 5.51 25.62 17.52
N ALA A 378 5.16 25.31 16.28
CA ALA A 378 4.00 24.48 16.03
C ALA A 378 4.22 23.07 16.56
N GLU A 379 5.43 22.55 16.39
CA GLU A 379 5.78 21.24 16.94
C GLU A 379 5.61 21.22 18.46
N GLN A 380 6.08 22.26 19.14
CA GLN A 380 5.90 22.37 20.58
C GLN A 380 4.43 22.40 20.99
N CYS A 381 3.60 23.07 20.19
CA CYS A 381 2.16 23.10 20.41
C CYS A 381 1.59 21.69 20.41
N GLY A 382 1.92 20.91 19.38
CA GLY A 382 1.43 19.54 19.31
C GLY A 382 1.97 18.67 20.43
N GLN A 383 3.24 18.84 20.77
CA GLN A 383 3.86 18.07 21.85
C GLN A 383 3.21 18.36 23.19
N ARG A 384 3.06 19.64 23.52
CA ARG A 384 2.47 19.98 24.80
C ARG A 384 1.00 19.59 24.85
N LEU A 385 0.27 19.72 23.74
CA LEU A 385 -1.10 19.24 23.70
C LEU A 385 -1.18 17.76 24.13
N PHE A 386 -0.32 16.94 23.53
CA PHE A 386 -0.23 15.52 23.86
C PHE A 386 0.04 15.30 25.35
N MET A 387 1.00 16.05 25.87
CA MET A 387 1.42 15.91 27.27
C MET A 387 0.39 16.47 28.26
N LEU A 388 -0.55 17.29 27.78
CA LEU A 388 -1.58 17.91 28.60
C LEU A 388 -2.96 17.33 28.33
N SER A 389 -3.03 16.17 27.67
CA SER A 389 -4.31 15.65 27.22
C SER A 389 -5.00 14.82 28.30
N SER A 390 -4.71 13.54 28.37
CA SER A 390 -5.33 12.68 29.36
C SER A 390 -4.42 11.52 29.64
N ALA A 391 -4.54 10.95 30.83
CA ALA A 391 -3.67 9.87 31.24
C ALA A 391 -4.33 9.03 32.30
N ASP A 392 -4.21 7.71 32.14
CA ASP A 392 -4.64 6.77 33.16
C ASP A 392 -3.44 6.50 34.09
N GLY A 393 -3.68 5.77 35.16
CA GLY A 393 -2.63 5.46 36.13
C GLY A 393 -2.44 6.47 37.25
N SER A 394 -3.36 7.44 37.35
CA SER A 394 -3.46 8.37 38.49
C SER A 394 -2.37 9.43 38.60
N SER A 395 -1.10 9.03 38.60
CA SER A 395 -0.06 9.93 39.05
C SER A 395 0.15 11.17 38.19
N LEU A 396 -0.20 11.12 36.90
CA LEU A 396 -0.04 12.27 36.00
C LEU A 396 -1.26 13.20 35.96
N SER A 397 -2.26 12.97 36.80
CA SER A 397 -3.50 13.75 36.75
C SER A 397 -3.29 15.25 36.99
N SER A 398 -2.23 15.62 37.71
CA SER A 398 -1.95 17.01 38.01
C SER A 398 -1.35 17.72 36.81
N GLN A 399 -0.85 16.92 35.85
CA GLN A 399 -0.24 17.46 34.64
C GLN A 399 -1.24 17.53 33.49
N VAL A 400 -1.90 16.42 33.18
CA VAL A 400 -2.87 16.44 32.09
C VAL A 400 -4.08 17.26 32.50
N ARG A 401 -4.72 17.88 31.50
CA ARG A 401 -5.75 18.90 31.73
C ARG A 401 -7.06 18.62 31.00
N GLY A 402 -7.06 17.61 30.13
CA GLY A 402 -8.23 17.31 29.33
C GLY A 402 -8.24 18.01 27.98
N TYR A 403 -7.09 18.50 27.55
CA TYR A 403 -6.98 19.21 26.27
C TYR A 403 -6.73 18.20 25.15
N HIS A 404 -7.60 18.17 24.14
CA HIS A 404 -7.41 17.25 23.01
C HIS A 404 -7.30 17.95 21.67
N TRP A 405 -7.47 19.26 21.66
CA TRP A 405 -7.44 20.07 20.45
C TRP A 405 -6.66 21.33 20.75
N ALA A 406 -5.79 21.72 19.82
CA ALA A 406 -5.09 22.99 19.92
C ALA A 406 -5.07 23.69 18.57
N THR A 407 -5.11 25.01 18.61
CA THR A 407 -4.93 25.84 17.43
C THR A 407 -3.66 26.62 17.63
N PHE A 408 -2.73 26.46 16.69
CA PHE A 408 -1.51 27.23 16.66
C PHE A 408 -1.69 28.42 15.76
N VAL A 409 -1.37 29.61 16.26
CA VAL A 409 -1.46 30.84 15.49
C VAL A 409 -0.06 31.43 15.36
N ALA A 410 0.51 31.36 14.16
CA ALA A 410 1.84 31.87 13.91
C ALA A 410 1.83 33.39 13.93
N THR A 411 2.90 33.97 14.44
CA THR A 411 3.01 35.42 14.49
C THR A 411 2.90 36.03 13.10
N ASP A 412 3.68 35.51 12.15
CA ASP A 412 3.64 36.00 10.76
C ASP A 412 4.19 34.99 9.76
N CYS A 413 3.66 33.78 9.80
CA CYS A 413 4.01 32.73 8.86
C CYS A 413 2.73 32.12 8.31
N ASN A 414 2.66 31.95 6.99
CA ASN A 414 1.60 31.12 6.43
C ASN A 414 1.95 29.67 6.71
N MET A 415 1.08 28.96 7.44
CA MET A 415 1.45 27.67 7.99
C MET A 415 1.36 26.52 7.01
N GLY A 416 1.07 26.85 5.74
CA GLY A 416 1.19 25.89 4.66
C GLY A 416 2.49 26.04 3.88
N GLU A 417 3.28 27.05 4.23
CA GLU A 417 4.55 27.32 3.57
C GLU A 417 5.76 26.81 4.35
N SER A 418 6.94 26.95 3.77
CA SER A 418 8.14 26.32 4.33
C SER A 418 8.52 26.90 5.70
N CYS A 419 8.04 28.09 6.00
CA CYS A 419 8.32 28.71 7.28
C CYS A 419 7.64 27.97 8.44
N ALA A 420 6.70 27.08 8.13
CA ALA A 420 5.89 26.44 9.16
C ALA A 420 6.72 25.67 10.16
N ALA A 421 7.85 25.13 9.72
CA ALA A 421 8.66 24.28 10.59
C ALA A 421 9.40 25.04 11.68
N THR A 422 9.60 26.35 11.49
CA THR A 422 10.38 27.15 12.45
C THR A 422 9.62 28.35 13.00
N ALA A 423 8.41 28.58 12.49
CA ALA A 423 7.62 29.72 12.93
C ALA A 423 7.32 29.65 14.42
N ARG A 424 7.32 30.81 15.06
CA ARG A 424 6.85 30.89 16.43
C ARG A 424 5.50 31.58 16.49
N GLY A 425 4.76 31.33 17.56
CA GLY A 425 3.44 31.88 17.72
C GLY A 425 2.81 31.41 19.02
N LYS A 426 1.49 31.42 19.03
CA LYS A 426 0.72 31.13 20.23
C LYS A 426 -0.08 29.85 20.07
N CYS A 427 -0.03 28.99 21.09
CA CYS A 427 -0.80 27.76 21.14
CA CYS A 427 -0.85 27.78 21.16
C CYS A 427 -2.05 27.98 22.02
N PHE A 428 -3.23 27.69 21.47
CA PHE A 428 -4.48 27.76 22.23
C PHE A 428 -5.01 26.36 22.46
N PHE A 429 -5.25 26.02 23.72
CA PHE A 429 -5.67 24.66 24.09
C PHE A 429 -7.15 24.61 24.43
N TYR A 430 -7.82 23.55 23.98
CA TYR A 430 -9.26 23.40 24.14
C TYR A 430 -9.65 22.06 24.75
N SER A 431 -10.76 22.07 25.50
CA SER A 431 -11.38 20.85 25.98
C SER A 431 -12.81 20.66 25.44
N THR A 432 -13.19 21.53 24.49
CA THR A 432 -14.50 21.52 23.85
C THR A 432 -14.45 20.68 22.58
N VAL A 433 -15.47 19.86 22.35
CA VAL A 433 -15.56 19.05 21.13
C VAL A 433 -15.84 19.95 19.94
N PRO A 434 -14.99 19.90 18.90
CA PRO A 434 -15.18 20.81 17.76
C PRO A 434 -16.28 20.36 16.78
N GLU A 435 -16.89 21.32 16.10
CA GLU A 435 -18.00 21.04 15.19
C GLU A 435 -17.71 21.57 13.78
N CYS A 436 -16.70 22.42 13.66
CA CYS A 436 -16.35 23.02 12.38
C CYS A 436 -14.96 23.60 12.42
N LEU A 437 -14.48 24.05 11.27
CA LEU A 437 -13.17 24.66 11.13
C LEU A 437 -13.27 25.99 10.41
N ILE A 438 -12.41 26.92 10.79
CA ILE A 438 -12.31 28.23 10.14
C ILE A 438 -10.99 28.30 9.41
N HIS A 439 -11.01 28.70 8.14
CA HIS A 439 -9.77 28.84 7.39
C HIS A 439 -8.99 30.07 7.83
N SER A 440 -7.68 29.92 7.90
CA SER A 440 -6.80 31.05 8.16
C SER A 440 -5.42 30.80 7.57
N PRO A 441 -4.79 31.85 7.02
CA PRO A 441 -3.45 31.61 6.49
C PRO A 441 -2.40 31.28 7.55
N THR A 442 -2.59 31.75 8.79
CA THR A 442 -1.50 31.70 9.75
C THR A 442 -1.71 30.70 10.88
N THR A 443 -2.58 29.71 10.66
CA THR A 443 -2.90 28.76 11.73
C THR A 443 -2.71 27.30 11.32
N MET A 444 -2.68 26.44 12.34
CA MET A 444 -2.58 24.99 12.17
C MET A 444 -3.29 24.36 13.34
N ALA A 445 -4.03 23.28 13.08
CA ALA A 445 -4.82 22.61 14.10
C ALA A 445 -4.25 21.23 14.41
N PHE A 446 -4.10 20.94 15.70
CA PHE A 446 -3.60 19.68 16.22
C PHE A 446 -4.63 18.98 17.09
N THR A 447 -4.58 17.65 17.14
CA THR A 447 -5.23 16.89 18.20
C THR A 447 -4.19 16.13 19.00
N SER A 448 -4.60 15.62 20.16
CA SER A 448 -3.71 14.86 21.01
C SER A 448 -3.29 13.52 20.45
N LEU A 449 -3.98 13.07 19.39
CA LEU A 449 -3.64 11.83 18.69
C LEU A 449 -2.91 12.07 17.37
N SER A 450 -2.70 13.33 17.03
CA SER A 450 -2.01 13.71 15.77
C SER A 450 -0.49 13.60 15.89
N ALA A 451 0.18 13.33 14.77
CA ALA A 451 1.62 13.57 14.70
C ALA A 451 1.88 15.08 14.85
N VAL A 452 3.11 15.45 15.19
CA VAL A 452 3.41 16.85 15.52
C VAL A 452 4.33 17.58 14.54
N ASP A 453 4.61 16.98 13.38
CA ASP A 453 5.41 17.64 12.36
C ASP A 453 4.56 18.60 11.55
N PRO A 454 4.78 19.92 11.69
CA PRO A 454 3.93 20.83 10.92
C PRO A 454 4.17 20.71 9.41
N SER A 455 5.30 20.16 9.00
CA SER A 455 5.66 20.12 7.58
CA SER A 455 5.65 20.14 7.58
C SER A 455 4.86 19.08 6.79
N ILE A 456 4.20 18.18 7.50
CA ILE A 456 3.36 17.17 6.83
C ILE A 456 1.88 17.52 6.88
N ALA A 457 1.55 18.70 7.41
CA ALA A 457 0.16 19.06 7.58
C ALA A 457 -0.58 19.09 6.24
N ILE A 458 -1.84 18.66 6.28
CA ILE A 458 -2.69 18.70 5.10
C ILE A 458 -4.05 19.34 5.41
N ASP A 459 -4.87 19.48 4.39
CA ASP A 459 -6.20 20.06 4.57
C ASP A 459 -7.18 19.09 5.21
N PRO A 460 -8.13 19.61 5.98
CA PRO A 460 -9.29 18.80 6.34
C PRO A 460 -10.19 18.63 5.14
N ASP A 461 -11.17 17.75 5.23
CA ASP A 461 -12.25 17.74 4.24
C ASP A 461 -12.95 19.11 4.27
N SER A 462 -13.16 19.70 3.10
CA SER A 462 -13.75 21.03 3.02
C SER A 462 -15.18 21.10 3.60
N ILE A 463 -15.84 19.95 3.76
CA ILE A 463 -17.15 19.91 4.41
C ILE A 463 -17.11 20.51 5.82
N ALA A 464 -15.93 20.46 6.44
CA ALA A 464 -15.76 20.98 7.81
C ALA A 464 -15.70 22.49 7.91
N VAL A 465 -15.34 23.15 6.81
CA VAL A 465 -14.98 24.56 6.85
C VAL A 465 -16.18 25.46 6.59
N LEU A 466 -16.37 26.42 7.48
CA LEU A 466 -17.43 27.43 7.34
C LEU A 466 -16.83 28.82 7.52
N PRO A 467 -17.47 29.83 6.92
CA PRO A 467 -17.03 31.21 7.16
C PRO A 467 -17.15 31.58 8.64
N GLU A 468 -16.23 32.41 9.12
CA GLU A 468 -16.24 32.81 10.52
C GLU A 468 -17.41 33.73 10.81
N ASP A 469 -18.06 33.49 11.95
CA ASP A 469 -18.98 34.47 12.51
C ASP A 469 -18.15 35.58 13.15
N LYS A 470 -18.02 36.70 12.45
CA LYS A 470 -17.16 37.79 12.92
C LYS A 470 -17.91 38.78 13.80
N CYS A 471 -19.15 38.46 14.15
CA CYS A 471 -19.99 39.36 14.96
C CYS A 471 -19.97 39.02 16.45
N VAL A 472 -19.33 37.90 16.79
CA VAL A 472 -19.30 37.41 18.16
C VAL A 472 -18.79 38.47 19.13
N ILE B 6 -0.54 -27.34 38.48
CA ILE B 6 0.10 -26.10 38.07
C ILE B 6 -0.69 -25.45 36.94
N VAL B 7 -0.98 -24.17 37.07
CA VAL B 7 -1.67 -23.45 35.99
C VAL B 7 -0.65 -22.99 34.95
N GLN B 8 -0.89 -23.40 33.72
CA GLN B 8 -0.09 -22.93 32.59
C GLN B 8 -0.93 -23.05 31.34
N ASN B 9 -0.64 -22.22 30.34
CA ASN B 9 -1.40 -22.32 29.09
C ASN B 9 -0.80 -23.40 28.21
N GLN B 10 -1.42 -23.62 27.07
CA GLN B 10 -1.03 -24.74 26.22
C GLN B 10 0.33 -24.54 25.59
N SER B 11 0.71 -23.30 25.28
CA SER B 11 2.01 -23.08 24.68
C SER B 11 3.14 -23.31 25.69
N SER B 12 2.86 -23.08 26.97
CA SER B 12 3.80 -23.39 28.04
C SER B 12 3.97 -24.90 28.19
N LEU B 13 2.87 -25.61 28.13
CA LEU B 13 2.89 -27.07 28.26
C LEU B 13 3.52 -27.73 27.03
N ALA B 14 3.43 -27.07 25.88
CA ALA B 14 3.79 -27.68 24.60
C ALA B 14 5.16 -28.37 24.57
N PRO B 15 6.23 -27.69 25.03
CA PRO B 15 7.54 -28.36 24.96
C PRO B 15 7.62 -29.66 25.75
N GLU B 16 6.76 -29.83 26.74
CA GLU B 16 6.78 -31.02 27.59
C GLU B 16 6.01 -32.18 26.95
N LEU B 17 5.25 -31.87 25.90
CA LEU B 17 4.49 -32.88 25.15
C LEU B 17 5.16 -33.22 23.82
N SER B 18 6.00 -32.31 23.33
CA SER B 18 6.60 -32.44 22.02
C SER B 18 7.49 -33.66 21.92
N GLY B 19 7.52 -34.26 20.74
CA GLY B 19 8.47 -35.32 20.46
C GLY B 19 9.88 -34.78 20.32
N CYS B 20 10.00 -33.48 20.07
CA CYS B 20 11.30 -32.84 19.82
C CYS B 20 11.51 -31.57 20.65
N PRO B 21 11.54 -31.70 21.98
CA PRO B 21 11.77 -30.53 22.83
C PRO B 21 13.19 -30.00 22.69
N PRO B 22 13.43 -28.74 23.09
CA PRO B 22 12.48 -27.84 23.74
C PRO B 22 11.72 -26.89 22.80
N MET B 23 12.08 -26.84 21.52
CA MET B 23 11.47 -25.90 20.58
CA MET B 23 11.45 -25.89 20.59
C MET B 23 10.67 -26.56 19.47
N GLY B 24 10.85 -27.88 19.31
CA GLY B 24 10.14 -28.62 18.29
C GLY B 24 11.01 -29.09 17.14
N ILE B 25 12.32 -28.92 17.27
CA ILE B 25 13.30 -29.46 16.31
C ILE B 25 14.20 -30.47 17.03
N CYS B 26 14.22 -31.70 16.55
CA CYS B 26 15.00 -32.73 17.23
C CYS B 26 16.49 -32.56 16.94
N MET B 27 17.32 -33.21 17.77
CA MET B 27 18.77 -33.16 17.67
C MET B 27 19.27 -33.41 16.24
N ASP B 28 18.52 -34.19 15.47
CA ASP B 28 18.91 -34.53 14.10
C ASP B 28 18.21 -33.66 13.04
N GLY B 29 17.56 -32.60 13.48
CA GLY B 29 16.97 -31.63 12.55
C GLY B 29 15.59 -31.99 12.04
N THR B 30 15.10 -33.17 12.41
CA THR B 30 13.72 -33.55 12.07
C THR B 30 12.78 -32.83 13.03
N ILE B 31 11.47 -32.93 12.82
CA ILE B 31 10.48 -32.34 13.73
C ILE B 31 9.58 -33.30 14.41
N GLY B 32 8.89 -32.78 15.39
CA GLY B 32 7.60 -33.20 15.81
C GLY B 32 7.01 -34.48 15.32
N ASP B 33 6.60 -35.25 16.26
CA ASP B 33 5.26 -35.43 16.60
C ASP B 33 5.02 -34.31 17.59
N PRO B 34 4.11 -33.41 17.27
CA PRO B 34 3.92 -32.32 18.22
C PRO B 34 3.35 -32.73 19.57
N ILE B 35 2.52 -33.76 19.61
CA ILE B 35 2.04 -34.28 20.89
C ILE B 35 2.39 -35.76 20.98
N ALA B 36 3.51 -36.04 21.65
CA ALA B 36 4.09 -37.38 21.66
C ALA B 36 3.80 -38.13 22.95
N SER B 37 3.11 -37.50 23.89
CA SER B 37 2.76 -38.16 25.15
C SER B 37 1.48 -37.55 25.71
N SER C 7 5.72 33.72 -1.83
CA SER C 7 5.80 32.40 -1.22
C SER C 7 4.57 31.56 -1.58
N THR C 8 3.38 32.07 -1.23
CA THR C 8 2.15 31.36 -1.54
C THR C 8 1.90 31.28 -3.05
N SER C 9 2.18 32.36 -3.77
CA SER C 9 2.00 32.34 -5.22
C SER C 9 2.93 31.33 -5.89
N THR C 10 4.17 31.24 -5.39
CA THR C 10 5.12 30.26 -5.93
C THR C 10 4.68 28.84 -5.61
N SER C 11 4.27 28.60 -4.36
CA SER C 11 3.77 27.29 -3.96
C SER C 11 2.52 26.90 -4.74
N ARG C 12 1.66 27.86 -5.00
CA ARG C 12 0.46 27.61 -5.78
C ARG C 12 0.83 27.18 -7.20
N ALA C 13 1.76 27.89 -7.82
CA ALA C 13 2.20 27.53 -9.16
C ALA C 13 2.82 26.13 -9.21
N THR C 14 3.62 25.80 -8.21
CA THR C 14 4.25 24.49 -8.17
C THR C 14 3.19 23.39 -8.06
N TYR C 15 2.17 23.63 -7.25
CA TYR C 15 1.09 22.66 -7.09
C TYR C 15 0.28 22.52 -8.38
N MET C 16 -0.10 23.66 -8.96
CA MET C 16 -0.98 23.66 -10.13
C MET C 16 -0.29 23.10 -11.39
N ASP C 17 1.04 23.00 -11.37
CA ASP C 17 1.80 22.37 -12.44
C ASP C 17 1.27 20.97 -12.77
N ARG C 18 0.75 20.26 -11.77
CA ARG C 18 0.32 18.88 -11.97
C ARG C 18 -0.89 18.80 -12.90
N PHE C 19 -1.53 19.94 -13.16
CA PHE C 19 -2.69 19.99 -14.06
C PHE C 19 -2.34 20.50 -15.44
N ASN C 20 -1.07 20.79 -15.70
CA ASN C 20 -0.66 21.28 -17.02
C ASN C 20 -0.40 20.12 -17.95
N ILE C 21 -1.50 19.54 -18.43
CA ILE C 21 -1.43 18.29 -19.17
C ILE C 21 -0.62 18.39 -20.48
N PRO C 22 -0.82 19.45 -21.30
CA PRO C 22 -0.01 19.46 -22.53
C PRO C 22 1.50 19.55 -22.27
N LYS C 23 1.90 20.25 -21.21
CA LYS C 23 3.31 20.40 -20.88
C LYS C 23 3.91 19.13 -20.30
N ASN C 24 3.12 18.39 -19.52
CA ASN C 24 3.67 17.29 -18.71
C ASN C 24 3.32 15.88 -19.19
N HIS C 25 2.25 15.75 -19.98
CA HIS C 25 1.92 14.46 -20.60
C HIS C 25 2.79 14.29 -21.84
N VAL C 26 4.05 13.92 -21.63
CA VAL C 26 5.06 13.98 -22.66
C VAL C 26 5.42 12.59 -23.20
N ASP C 27 6.17 12.59 -24.29
CA ASP C 27 6.76 11.39 -24.84
C ASP C 27 8.21 11.36 -24.44
N LEU C 28 8.57 10.42 -23.58
CA LEU C 28 9.95 10.29 -23.15
C LEU C 28 10.51 8.92 -23.47
N ILE C 29 11.83 8.83 -23.57
CA ILE C 29 12.52 7.56 -23.71
C ILE C 29 13.58 7.50 -22.61
N TRP C 30 13.91 6.30 -22.16
CA TRP C 30 14.89 6.14 -21.09
C TRP C 30 16.29 6.16 -21.68
N ASP C 31 17.19 6.92 -21.08
CA ASP C 31 18.57 6.96 -21.51
C ASP C 31 19.42 7.53 -20.38
N LYS C 32 20.56 6.91 -20.10
CA LYS C 32 21.39 7.36 -18.98
C LYS C 32 21.98 8.74 -19.23
N ASP C 33 22.02 9.16 -20.49
CA ASP C 33 22.54 10.48 -20.85
C ASP C 33 21.40 11.48 -21.05
N GLY C 34 20.18 11.08 -20.73
CA GLY C 34 19.04 11.96 -20.84
C GLY C 34 19.17 13.18 -19.93
N THR C 35 18.71 14.32 -20.42
CA THR C 35 18.87 15.57 -19.68
C THR C 35 17.81 15.78 -18.61
N LYS C 36 16.77 14.96 -18.62
CA LYS C 36 15.73 15.04 -17.60
C LYS C 36 16.00 14.00 -16.52
N SER C 37 15.69 14.32 -15.28
CA SER C 37 15.93 13.38 -14.19
C SER C 37 15.00 13.58 -13.01
N HIS C 38 14.82 12.51 -12.26
CA HIS C 38 14.03 12.54 -11.03
C HIS C 38 14.41 11.38 -10.14
N THR C 39 14.56 11.67 -8.86
CA THR C 39 14.90 10.66 -7.88
C THR C 39 13.63 10.22 -7.16
N ARG C 40 13.25 8.97 -7.38
CA ARG C 40 12.06 8.41 -6.77
C ARG C 40 12.50 7.28 -5.84
N GLY C 41 12.32 7.50 -4.54
CA GLY C 41 12.85 6.59 -3.55
C GLY C 41 14.36 6.69 -3.50
N ASN C 42 15.04 5.67 -4.03
CA ASN C 42 16.49 5.57 -3.97
C ASN C 42 17.13 5.48 -5.35
N THR C 43 16.27 5.45 -6.38
CA THR C 43 16.71 5.41 -7.76
C THR C 43 16.57 6.79 -8.40
N THR C 44 17.58 7.21 -9.14
CA THR C 44 17.46 8.40 -9.97
C THR C 44 17.22 7.97 -11.41
N TYR C 45 16.06 8.34 -11.95
CA TYR C 45 15.70 8.01 -13.32
C TYR C 45 16.13 9.12 -14.27
N ARG C 46 16.57 8.74 -15.45
CA ARG C 46 16.98 9.71 -16.47
C ARG C 46 16.33 9.45 -17.82
N TRP C 47 15.83 10.51 -18.46
CA TRP C 47 15.15 10.37 -19.73
C TRP C 47 15.34 11.57 -20.68
N THR C 48 15.07 11.32 -21.96
CA THR C 48 14.98 12.35 -22.97
C THR C 48 13.50 12.64 -23.21
N GLU C 49 13.09 13.91 -23.16
CA GLU C 49 11.74 14.30 -23.56
C GLU C 49 11.74 14.59 -25.06
N ARG C 50 11.10 13.72 -25.83
CA ARG C 50 11.10 13.86 -27.29
C ARG C 50 10.06 14.85 -27.76
N LYS C 51 8.91 14.88 -27.11
CA LYS C 51 7.88 15.85 -27.43
C LYS C 51 6.90 15.99 -26.27
N SER C 52 6.18 17.09 -26.25
CA SER C 52 5.12 17.29 -25.29
C SER C 52 3.77 17.09 -25.98
N ASN C 53 2.71 17.26 -25.21
CA ASN C 53 1.35 17.24 -25.75
C ASN C 53 0.99 15.94 -26.47
N VAL C 54 1.35 14.82 -25.86
CA VAL C 54 0.94 13.53 -26.38
C VAL C 54 -0.58 13.40 -26.26
N GLY C 55 -1.21 12.73 -27.21
CA GLY C 55 -2.65 12.51 -27.13
C GLY C 55 -3.08 11.77 -25.87
N VAL C 56 -4.15 12.27 -25.26
CA VAL C 56 -4.67 11.70 -24.01
C VAL C 56 -5.68 10.59 -24.27
N TYR C 57 -6.65 10.85 -25.15
CA TYR C 57 -7.62 9.82 -25.54
C TYR C 57 -6.88 8.64 -26.19
N VAL C 58 -6.04 8.97 -27.17
CA VAL C 58 -5.18 8.02 -27.87
C VAL C 58 -3.79 8.65 -27.93
N GLY C 59 -2.78 7.98 -27.39
CA GLY C 59 -1.42 8.51 -27.38
C GLY C 59 -0.44 7.59 -28.08
N TYR C 60 0.27 8.14 -29.06
CA TYR C 60 1.28 7.41 -29.82
C TYR C 60 2.54 8.22 -29.98
N SER C 61 3.66 7.50 -30.09
CA SER C 61 4.89 8.10 -30.59
C SER C 61 5.64 7.05 -31.39
N GLU C 62 6.65 7.48 -32.14
CA GLU C 62 7.41 6.55 -32.97
C GLU C 62 8.04 5.44 -32.13
N MET C 63 7.87 4.20 -32.57
CA MET C 63 8.53 3.09 -31.92
C MET C 63 10.03 3.39 -31.79
N TYR C 64 10.52 3.26 -30.58
CA TYR C 64 11.91 3.52 -30.25
C TYR C 64 12.56 2.25 -29.72
N ASP C 65 13.53 1.74 -30.47
CA ASP C 65 14.26 0.52 -30.09
C ASP C 65 15.76 0.81 -30.02
N SER C 66 16.25 0.96 -28.80
CA SER C 66 17.67 1.24 -28.57
C SER C 66 18.41 -0.01 -28.08
N SER C 67 17.87 -1.18 -28.40
CA SER C 67 18.63 -2.41 -28.26
C SER C 67 19.74 -2.38 -29.31
N ALA C 68 20.77 -3.18 -29.11
CA ALA C 68 21.89 -3.21 -30.06
C ALA C 68 21.45 -3.56 -31.48
N GLN C 69 20.46 -4.44 -31.60
CA GLN C 69 19.97 -4.87 -32.90
C GLN C 69 18.80 -4.03 -33.41
N ALA C 70 18.22 -3.21 -32.52
CA ALA C 70 17.09 -2.34 -32.87
C ALA C 70 15.96 -3.15 -33.53
N TYR C 71 15.68 -4.32 -32.97
CA TYR C 71 14.74 -5.28 -33.57
C TYR C 71 13.44 -4.66 -34.08
N CYS C 72 12.77 -3.90 -33.22
CA CYS C 72 11.41 -3.48 -33.52
C CYS C 72 11.36 -2.23 -34.39
N GLN C 73 12.52 -1.79 -34.88
CA GLN C 73 12.56 -0.71 -35.87
C GLN C 73 12.93 -1.20 -37.26
N SER C 74 13.12 -2.51 -37.41
CA SER C 74 13.28 -3.10 -38.73
C SER C 74 11.98 -3.01 -39.53
N SER C 75 12.10 -3.00 -40.85
CA SER C 75 10.95 -2.84 -41.73
C SER C 75 10.20 -4.16 -41.93
N SER C 76 10.80 -5.25 -41.45
CA SER C 76 10.12 -6.54 -41.49
C SER C 76 9.49 -6.85 -40.13
N ALA C 77 9.67 -5.95 -39.18
CA ALA C 77 9.05 -6.10 -37.86
C ALA C 77 7.59 -5.70 -37.91
N LYS C 78 6.73 -6.58 -37.44
CA LYS C 78 5.31 -6.32 -37.36
C LYS C 78 5.02 -5.62 -36.03
N ILE C 79 4.37 -4.46 -36.11
CA ILE C 79 3.84 -3.78 -34.94
C ILE C 79 2.37 -3.55 -35.23
N ASP C 80 1.50 -3.81 -34.26
CA ASP C 80 0.06 -3.77 -34.52
C ASP C 80 -0.39 -2.42 -35.07
N THR C 81 0.23 -1.34 -34.63
CA THR C 81 -0.15 0.00 -35.07
C THR C 81 0.16 0.27 -36.55
N LYS C 82 1.08 -0.50 -37.14
CA LYS C 82 1.36 -0.33 -38.57
C LYS C 82 0.10 -0.59 -39.39
N THR C 83 -0.69 -1.57 -39.00
CA THR C 83 -1.90 -1.88 -39.76
C THR C 83 -3.13 -1.11 -39.26
N THR C 84 -3.23 -0.85 -37.96
CA THR C 84 -4.41 -0.17 -37.42
C THR C 84 -4.35 1.35 -37.53
N VAL C 85 -3.13 1.90 -37.52
CA VAL C 85 -2.95 3.36 -37.56
C VAL C 85 -2.18 3.82 -38.80
N GLY C 86 -1.26 3.00 -39.29
CA GLY C 86 -0.53 3.31 -40.51
C GLY C 86 0.89 3.80 -40.28
N ALA C 87 1.40 3.60 -39.07
CA ALA C 87 2.76 4.00 -38.73
C ALA C 87 3.30 3.14 -37.61
N PRO C 88 4.64 3.02 -37.50
CA PRO C 88 5.20 2.20 -36.42
C PRO C 88 5.19 2.96 -35.10
N TYR C 89 4.07 2.81 -34.38
CA TYR C 89 3.83 3.54 -33.16
C TYR C 89 3.83 2.66 -31.92
N MET C 90 4.42 3.18 -30.85
CA MET C 90 4.19 2.64 -29.52
C MET C 90 3.21 3.53 -28.75
N ALA C 91 2.51 2.94 -27.80
CA ALA C 91 1.60 3.69 -26.93
C ALA C 91 2.43 4.64 -26.08
N ALA C 92 2.01 5.90 -26.05
CA ALA C 92 2.79 6.96 -25.44
C ALA C 92 1.95 7.85 -24.54
N GLY C 93 2.64 8.56 -23.64
CA GLY C 93 2.00 9.47 -22.70
C GLY C 93 2.51 9.25 -21.29
N ALA C 94 3.18 10.26 -20.74
CA ALA C 94 3.91 10.07 -19.49
C ALA C 94 3.02 10.01 -18.24
N CYS C 95 1.82 10.55 -18.31
CA CYS C 95 0.91 10.54 -17.16
C CYS C 95 0.00 9.33 -17.16
N PRO C 96 -0.15 8.67 -16.00
CA PRO C 96 -1.17 7.63 -15.90
C PRO C 96 -2.55 8.18 -16.23
N ASN C 97 -3.33 7.40 -16.95
CA ASN C 97 -4.65 7.82 -17.39
C ASN C 97 -5.72 7.08 -16.62
N TYR C 98 -6.29 7.73 -15.62
CA TYR C 98 -7.19 7.08 -14.69
C TYR C 98 -8.56 6.86 -15.31
N GLY C 99 -9.02 5.62 -15.23
CA GLY C 99 -10.33 5.23 -15.74
C GLY C 99 -10.30 4.68 -17.15
N LYS C 100 -9.19 4.90 -17.86
CA LYS C 100 -9.10 4.54 -19.27
C LYS C 100 -8.97 3.03 -19.47
N VAL C 101 -9.93 2.46 -20.18
CA VAL C 101 -9.95 1.03 -20.51
C VAL C 101 -10.11 0.89 -22.02
N ILE C 102 -9.43 -0.07 -22.64
CA ILE C 102 -9.64 -0.35 -24.05
C ILE C 102 -10.85 -1.29 -24.17
N ALA C 103 -11.95 -0.72 -24.66
CA ALA C 103 -13.21 -1.45 -24.79
C ALA C 103 -13.34 -2.08 -26.16
N PHE C 104 -13.87 -3.29 -26.19
CA PHE C 104 -14.29 -3.93 -27.43
C PHE C 104 -15.71 -3.47 -27.74
N THR C 105 -15.94 -3.03 -28.97
CA THR C 105 -17.23 -2.44 -29.32
C THR C 105 -17.69 -2.85 -30.70
N LYS C 106 -18.91 -2.48 -31.04
CA LYS C 106 -19.32 -2.46 -32.44
C LYS C 106 -18.68 -1.22 -33.08
N ARG C 107 -18.77 -1.12 -34.41
CA ARG C 107 -18.07 -0.06 -35.11
C ARG C 107 -18.60 1.32 -34.71
N ASP C 108 -19.85 1.39 -34.24
CA ASP C 108 -20.43 2.65 -33.78
C ASP C 108 -20.23 2.89 -32.30
N GLY C 109 -19.39 2.08 -31.66
CA GLY C 109 -19.10 2.23 -30.24
C GLY C 109 -20.10 1.58 -29.29
N SER C 110 -21.16 1.01 -29.83
CA SER C 110 -22.21 0.41 -29.01
C SER C 110 -21.85 -1.02 -28.60
N ARG C 111 -22.65 -1.60 -27.70
CA ARG C 111 -22.45 -2.96 -27.16
C ARG C 111 -21.02 -3.14 -26.66
N SER C 112 -20.56 -2.13 -25.94
CA SER C 112 -19.20 -2.10 -25.45
C SER C 112 -18.98 -3.14 -24.35
N ASP C 113 -17.78 -3.69 -24.34
CA ASP C 113 -17.35 -4.68 -23.37
C ASP C 113 -16.05 -4.19 -22.76
N MET C 114 -16.09 -3.81 -21.49
CA MET C 114 -14.91 -3.23 -20.84
C MET C 114 -14.12 -4.22 -19.98
N THR C 115 -14.40 -5.51 -20.11
CA THR C 115 -13.58 -6.53 -19.44
C THR C 115 -12.95 -7.52 -20.41
N ARG C 116 -13.39 -7.51 -21.67
CA ARG C 116 -12.86 -8.39 -22.70
C ARG C 116 -11.34 -8.26 -22.86
N TRP C 117 -10.80 -7.07 -22.61
CA TRP C 117 -9.37 -6.83 -22.78
C TRP C 117 -8.51 -7.79 -21.94
N LYS C 118 -9.08 -8.35 -20.87
CA LYS C 118 -8.34 -9.21 -19.96
C LYS C 118 -7.98 -10.56 -20.59
N ASN C 119 -8.69 -10.98 -21.64
CA ASN C 119 -8.30 -12.17 -22.39
C ASN C 119 -7.00 -11.91 -23.12
N GLU C 120 -6.19 -12.95 -23.32
CA GLU C 120 -4.95 -12.76 -24.06
C GLU C 120 -5.17 -12.46 -25.53
N ILE C 121 -4.15 -11.89 -26.16
CA ILE C 121 -4.13 -11.64 -27.59
C ILE C 121 -3.98 -12.92 -28.41
N HIS C 122 -4.27 -12.80 -29.70
CA HIS C 122 -4.04 -13.84 -30.69
C HIS C 122 -3.22 -13.25 -31.83
N ALA C 123 -1.93 -13.03 -31.59
CA ALA C 123 -1.07 -12.37 -32.56
C ALA C 123 -0.29 -13.36 -33.42
N ASN C 124 -0.66 -14.64 -33.32
CA ASN C 124 -0.04 -15.71 -34.11
C ASN C 124 1.44 -15.86 -33.75
N VAL C 125 1.68 -16.03 -32.45
CA VAL C 125 3.03 -16.11 -31.90
C VAL C 125 3.30 -17.49 -31.27
N MET C 126 2.37 -17.98 -30.45
CA MET C 126 2.57 -19.21 -29.67
C MET C 126 1.90 -20.42 -30.33
N PRO C 127 2.63 -21.54 -30.49
CA PRO C 127 4.03 -21.80 -30.09
C PRO C 127 5.02 -21.14 -31.03
N HIS C 128 6.04 -20.52 -30.46
CA HIS C 128 7.07 -19.87 -31.26
C HIS C 128 7.98 -20.92 -31.91
N SER C 129 8.20 -22.01 -31.19
CA SER C 129 9.02 -23.11 -31.68
C SER C 129 8.39 -24.42 -31.25
N THR C 130 8.52 -25.46 -32.08
CA THR C 130 8.14 -26.81 -31.67
C THR C 130 9.31 -27.77 -31.88
N THR C 131 10.53 -27.24 -31.80
CA THR C 131 11.73 -28.05 -31.99
C THR C 131 11.77 -29.21 -31.01
N SER C 132 11.97 -30.40 -31.57
CA SER C 132 12.12 -31.67 -30.83
C SER C 132 10.76 -32.25 -30.41
N CYS C 133 9.67 -31.54 -30.68
CA CYS C 133 8.33 -32.06 -30.38
C CYS C 133 7.97 -33.20 -31.32
N ALA C 134 7.15 -34.13 -30.84
CA ALA C 134 6.68 -35.24 -31.65
C ALA C 134 5.93 -34.77 -32.89
N SER C 135 5.12 -33.72 -32.73
CA SER C 135 4.39 -33.14 -33.86
C SER C 135 4.67 -31.65 -33.97
N ARG C 136 4.35 -31.09 -35.13
CA ARG C 136 4.59 -29.67 -35.37
C ARG C 136 3.30 -28.88 -35.29
N ALA C 137 3.43 -27.58 -35.07
CA ALA C 137 2.30 -26.67 -35.10
C ALA C 137 2.78 -25.28 -35.48
N ASP C 138 1.91 -24.50 -36.10
CA ASP C 138 2.22 -23.14 -36.49
C ASP C 138 1.93 -22.17 -35.35
N PRO C 139 2.69 -21.06 -35.28
CA PRO C 139 2.38 -20.01 -34.31
C PRO C 139 0.91 -19.62 -34.42
N GLY C 140 0.26 -19.52 -33.27
CA GLY C 140 -1.17 -19.27 -33.21
C GLY C 140 -1.92 -20.47 -32.67
N ALA C 141 -1.37 -21.66 -32.88
CA ALA C 141 -2.11 -22.89 -32.54
C ALA C 141 -2.45 -23.01 -31.06
N ALA C 142 -1.61 -22.43 -30.20
CA ALA C 142 -1.77 -22.56 -28.76
C ALA C 142 -2.58 -21.42 -28.13
N GLU C 143 -2.93 -20.42 -28.94
CA GLU C 143 -3.48 -19.18 -28.40
C GLU C 143 -4.99 -19.24 -28.21
N VAL C 144 -5.51 -18.36 -27.37
CA VAL C 144 -6.97 -18.25 -27.26
C VAL C 144 -7.55 -18.02 -28.64
N ALA C 145 -8.72 -18.62 -28.90
CA ALA C 145 -9.37 -18.50 -30.21
C ALA C 145 -9.59 -17.04 -30.57
N LYS C 146 -9.45 -16.73 -31.84
CA LYS C 146 -9.59 -15.35 -32.29
C LYS C 146 -10.93 -14.75 -31.85
N SER C 147 -11.98 -15.57 -31.82
CA SER C 147 -13.31 -15.06 -31.49
C SER C 147 -13.45 -14.59 -30.04
N ILE C 148 -12.50 -14.96 -29.18
CA ILE C 148 -12.50 -14.48 -27.80
C ILE C 148 -11.21 -13.72 -27.45
N GLU C 149 -10.46 -13.32 -28.48
CA GLU C 149 -9.24 -12.53 -28.28
C GLU C 149 -9.48 -11.29 -27.43
N GLY C 150 -8.55 -11.01 -26.51
CA GLY C 150 -8.52 -9.76 -25.80
C GLY C 150 -7.29 -8.94 -26.14
N PHE C 151 -6.81 -8.18 -25.17
CA PHE C 151 -5.67 -7.28 -25.37
C PHE C 151 -4.48 -7.62 -24.48
N ALA C 152 -4.61 -8.62 -23.62
CA ALA C 152 -3.55 -8.91 -22.65
C ALA C 152 -2.39 -9.67 -23.28
N MET C 153 -1.18 -9.26 -22.92
CA MET C 153 0.02 -9.94 -23.38
C MET C 153 0.08 -11.36 -22.84
N TYR C 154 0.73 -12.26 -23.59
CA TYR C 154 0.94 -13.65 -23.16
C TYR C 154 1.48 -13.70 -21.73
N ALA C 155 1.09 -14.73 -20.99
CA ALA C 155 1.43 -14.81 -19.57
C ALA C 155 2.93 -14.96 -19.34
N GLY C 156 3.61 -15.64 -20.25
CA GLY C 156 5.04 -15.89 -20.11
C GLY C 156 5.59 -16.58 -21.35
N TYR C 157 6.91 -16.80 -21.36
CA TYR C 157 7.58 -17.45 -22.48
C TYR C 157 8.88 -18.06 -21.98
N LEU C 158 9.09 -19.33 -22.34
CA LEU C 158 10.18 -20.15 -21.80
C LEU C 158 10.02 -20.28 -20.27
N THR C 159 10.90 -21.01 -19.61
CA THR C 159 10.72 -21.25 -18.18
C THR C 159 10.90 -19.98 -17.36
N HIS C 160 11.75 -19.08 -17.85
CA HIS C 160 12.06 -17.86 -17.13
C HIS C 160 12.78 -16.91 -18.06
N CYS C 161 12.91 -15.67 -17.60
CA CYS C 161 13.55 -14.60 -18.37
C CYS C 161 14.57 -13.85 -17.50
N PRO C 162 15.81 -13.70 -17.99
CA PRO C 162 16.35 -14.18 -19.27
C PRO C 162 16.58 -15.69 -19.23
N TYR C 163 16.21 -16.41 -20.28
CA TYR C 163 16.27 -17.87 -20.23
C TYR C 163 17.71 -18.34 -20.27
N ASN C 164 18.55 -17.66 -21.06
CA ASN C 164 19.98 -17.97 -21.10
C ASN C 164 20.80 -16.69 -21.00
N VAL C 165 22.11 -16.84 -20.82
CA VAL C 165 22.98 -15.68 -20.58
C VAL C 165 23.06 -14.77 -21.81
N ASN C 166 22.81 -15.32 -22.99
CA ASN C 166 22.88 -14.54 -24.21
C ASN C 166 21.72 -13.54 -24.29
N VAL C 167 20.55 -13.94 -23.80
CA VAL C 167 19.42 -13.02 -23.71
C VAL C 167 19.82 -11.80 -22.89
N TYR C 168 20.40 -12.04 -21.72
CA TYR C 168 20.80 -10.96 -20.84
C TYR C 168 21.96 -10.14 -21.41
N ARG C 169 23.02 -10.81 -21.87
CA ARG C 169 24.25 -10.09 -22.22
C ARG C 169 24.22 -9.42 -23.59
N GLN C 170 23.44 -9.97 -24.53
CA GLN C 170 23.47 -9.50 -25.90
C GLN C 170 22.26 -8.64 -26.28
N ASP C 171 21.14 -8.84 -25.57
CA ASP C 171 19.93 -8.07 -25.85
C ASP C 171 19.63 -7.07 -24.72
N MET C 172 19.67 -7.52 -23.46
CA MET C 172 19.26 -6.68 -22.34
C MET C 172 20.28 -5.62 -21.89
N VAL C 173 21.45 -6.03 -21.40
CA VAL C 173 22.36 -5.06 -20.77
C VAL C 173 22.87 -4.01 -21.76
N THR C 174 22.92 -4.35 -23.05
CA THR C 174 23.39 -3.41 -24.06
C THR C 174 22.24 -2.58 -24.66
N ASP C 175 21.05 -2.70 -24.07
CA ASP C 175 19.89 -1.90 -24.46
C ASP C 175 19.93 -0.60 -23.66
N LYS C 176 20.00 0.53 -24.37
CA LYS C 176 20.13 1.82 -23.70
C LYS C 176 18.94 2.16 -22.82
N GLU C 177 17.81 1.46 -22.99
CA GLU C 177 16.66 1.67 -22.11
C GLU C 177 16.65 0.71 -20.91
N PHE C 178 17.51 -0.29 -20.94
CA PHE C 178 17.59 -1.25 -19.84
C PHE C 178 18.53 -0.75 -18.76
N ASP C 179 18.17 -1.02 -17.51
CA ASP C 179 19.02 -0.72 -16.36
C ASP C 179 18.92 -1.87 -15.37
N SER C 180 20.06 -2.48 -15.04
CA SER C 180 20.05 -3.73 -14.28
C SER C 180 19.62 -3.53 -12.83
N THR C 181 19.60 -2.28 -12.36
CA THR C 181 19.14 -1.98 -11.02
C THR C 181 17.63 -1.77 -10.99
N VAL C 182 17.12 -0.96 -11.92
CA VAL C 182 15.68 -0.78 -12.04
C VAL C 182 15.02 -2.13 -12.36
N CYS C 183 15.70 -2.91 -13.21
CA CYS C 183 15.20 -4.21 -13.65
C CYS C 183 15.87 -5.37 -12.91
N ASN C 184 16.11 -5.22 -11.62
CA ASN C 184 16.85 -6.24 -10.88
C ASN C 184 16.03 -7.50 -10.58
N PHE C 185 14.80 -7.53 -11.09
CA PHE C 185 13.92 -8.68 -10.96
C PHE C 185 13.88 -9.50 -12.24
N VAL C 186 14.68 -9.11 -13.24
CA VAL C 186 14.73 -9.84 -14.49
C VAL C 186 16.17 -9.85 -15.01
N THR C 187 17.07 -10.42 -14.20
CA THR C 187 18.49 -10.50 -14.55
C THR C 187 19.01 -11.94 -14.54
N GLU C 188 20.26 -12.09 -14.95
CA GLU C 188 20.98 -13.36 -14.87
C GLU C 188 20.85 -14.01 -13.50
N SER C 189 21.14 -13.24 -12.46
CA SER C 189 21.21 -13.77 -11.10
C SER C 189 19.83 -13.87 -10.45
N ASN C 190 18.88 -13.08 -10.94
CA ASN C 190 17.53 -13.06 -10.38
C ASN C 190 16.49 -13.00 -11.50
N PRO C 191 16.28 -14.14 -12.19
CA PRO C 191 15.36 -14.20 -13.33
C PRO C 191 13.89 -14.07 -12.92
N LEU C 192 13.07 -13.66 -13.88
CA LEU C 192 11.62 -13.60 -13.69
C LEU C 192 11.05 -14.95 -14.09
N ARG C 193 10.37 -15.61 -13.15
CA ARG C 193 9.96 -17.00 -13.33
C ARG C 193 8.56 -17.16 -13.94
N PHE C 194 8.47 -17.92 -15.03
CA PHE C 194 7.18 -18.33 -15.59
C PHE C 194 6.85 -19.71 -15.01
N LEU C 195 7.70 -20.68 -15.33
CA LEU C 195 7.64 -22.00 -14.72
C LEU C 195 8.80 -22.12 -13.76
N ASP C 196 8.48 -22.02 -12.46
CA ASP C 196 9.51 -21.96 -11.44
C ASP C 196 9.98 -23.36 -11.13
N THR C 197 11.04 -23.76 -11.84
CA THR C 197 11.64 -25.07 -11.68
C THR C 197 12.30 -25.23 -10.31
N THR C 198 12.44 -24.12 -9.59
CA THR C 198 13.03 -24.15 -8.26
C THR C 198 12.02 -24.63 -7.21
N GLN C 199 10.74 -24.62 -7.59
CA GLN C 199 9.66 -25.01 -6.67
C GLN C 199 8.88 -26.19 -7.23
N ARG C 200 9.36 -27.39 -6.96
CA ARG C 200 8.74 -28.59 -7.47
C ARG C 200 7.43 -28.88 -6.76
N GLN C 201 6.49 -29.45 -7.52
CA GLN C 201 5.17 -29.78 -7.00
C GLN C 201 4.92 -31.27 -7.18
N SER C 202 3.84 -31.76 -6.56
CA SER C 202 3.52 -33.17 -6.61
C SER C 202 3.05 -33.60 -7.99
N THR C 203 2.59 -32.63 -8.79
CA THR C 203 1.97 -32.92 -10.08
C THR C 203 2.83 -32.49 -11.27
N GLN C 204 3.89 -31.73 -11.01
CA GLN C 204 4.84 -31.35 -12.05
C GLN C 204 6.10 -30.77 -11.42
N PRO C 205 7.21 -30.80 -12.16
CA PRO C 205 8.50 -30.37 -11.61
C PRO C 205 8.71 -28.86 -11.61
N TYR C 206 7.61 -28.12 -11.44
CA TYR C 206 7.69 -26.66 -11.35
C TYR C 206 6.40 -26.09 -10.77
N THR C 207 6.46 -24.83 -10.38
CA THR C 207 5.26 -24.09 -9.99
C THR C 207 5.02 -23.05 -11.08
N GLU C 208 3.78 -22.97 -11.54
CA GLU C 208 3.41 -22.04 -12.60
C GLU C 208 3.11 -20.66 -12.05
N TYR C 209 3.74 -19.65 -12.63
CA TYR C 209 3.46 -18.26 -12.31
C TYR C 209 3.19 -17.53 -13.64
N ALA C 210 3.73 -16.33 -13.79
CA ALA C 210 3.49 -15.48 -14.96
C ALA C 210 4.45 -14.30 -14.91
N PHE C 211 4.77 -13.73 -16.07
CA PHE C 211 5.61 -12.53 -16.11
C PHE C 211 4.84 -11.29 -15.69
N HIS C 212 3.50 -11.37 -15.69
CA HIS C 212 2.63 -10.27 -15.32
C HIS C 212 1.24 -10.81 -14.98
N GLY C 213 0.46 -10.01 -14.26
CA GLY C 213 -0.90 -10.36 -13.90
C GLY C 213 -0.96 -11.10 -12.58
N LYS C 214 -2.17 -11.21 -12.03
CA LYS C 214 -2.37 -11.93 -10.77
C LYS C 214 -3.19 -13.21 -10.96
N GLY C 215 -3.40 -13.62 -12.20
CA GLY C 215 -4.02 -14.90 -12.51
C GLY C 215 -5.53 -14.84 -12.72
N GLY C 216 -6.05 -15.93 -13.30
CA GLY C 216 -7.49 -16.10 -13.48
C GLY C 216 -7.99 -15.80 -14.87
N HIS C 217 -7.08 -15.49 -15.80
CA HIS C 217 -7.47 -15.02 -17.12
C HIS C 217 -7.34 -16.07 -18.20
N LYS C 218 -8.10 -15.91 -19.28
CA LYS C 218 -8.03 -16.82 -20.41
C LYS C 218 -6.76 -16.55 -21.21
N GLY C 219 -5.87 -17.53 -21.26
CA GLY C 219 -4.61 -17.38 -21.95
C GLY C 219 -4.22 -18.55 -22.82
N TYR C 220 -3.07 -18.44 -23.47
CA TYR C 220 -2.59 -19.50 -24.34
C TYR C 220 -2.18 -20.73 -23.52
N ASP C 221 -2.29 -21.89 -24.17
CA ASP C 221 -1.92 -23.16 -23.56
C ASP C 221 -0.42 -23.35 -23.72
N TYR C 222 0.33 -22.90 -22.73
CA TYR C 222 1.79 -23.00 -22.77
C TYR C 222 2.23 -24.45 -22.71
N LYS C 223 1.44 -25.29 -22.05
CA LYS C 223 1.85 -26.66 -21.74
C LYS C 223 1.58 -27.62 -22.88
N GLY C 224 0.38 -27.56 -23.46
CA GLY C 224 -0.07 -28.54 -24.43
C GLY C 224 -0.51 -29.81 -23.72
N GLN C 225 -0.95 -30.80 -24.48
CA GLN C 225 -1.51 -32.01 -23.89
C GLN C 225 -0.51 -33.17 -23.74
N THR C 226 0.78 -32.84 -23.56
CA THR C 226 1.85 -33.79 -23.21
C THR C 226 2.67 -33.31 -22.02
N SER C 227 3.52 -34.17 -21.45
CA SER C 227 4.43 -33.75 -20.38
C SER C 227 5.63 -33.03 -20.97
N HIS C 228 5.80 -33.12 -22.29
CA HIS C 228 6.79 -32.33 -22.99
C HIS C 228 6.25 -30.93 -23.13
N VAL C 229 6.47 -30.12 -22.10
CA VAL C 229 5.87 -28.80 -22.00
C VAL C 229 6.15 -27.99 -23.28
N GLY C 230 5.09 -27.48 -23.90
CA GLY C 230 5.21 -26.63 -25.06
C GLY C 230 4.84 -27.26 -26.37
N CYS C 231 4.62 -28.57 -26.38
CA CYS C 231 4.40 -29.29 -27.62
C CYS C 231 2.92 -29.54 -27.93
N PRO C 232 2.57 -29.64 -29.23
CA PRO C 232 1.18 -29.87 -29.62
C PRO C 232 0.72 -31.29 -29.31
N PRO C 233 -0.61 -31.52 -29.29
CA PRO C 233 -1.68 -30.55 -29.55
C PRO C 233 -1.99 -29.65 -28.35
N TYR C 234 -2.73 -28.57 -28.59
CA TYR C 234 -3.04 -27.60 -27.53
C TYR C 234 -4.54 -27.57 -27.25
N ASN C 235 -4.90 -27.14 -26.04
CA ASN C 235 -6.30 -27.00 -25.68
C ASN C 235 -6.56 -25.67 -24.97
N PRO C 236 -6.37 -24.56 -25.70
CA PRO C 236 -6.70 -23.25 -25.12
C PRO C 236 -8.21 -23.07 -25.00
N PRO C 237 -8.66 -22.17 -24.11
CA PRO C 237 -7.84 -21.36 -23.21
C PRO C 237 -7.33 -22.10 -21.98
N HIS C 238 -6.18 -21.64 -21.50
CA HIS C 238 -5.62 -22.08 -20.24
C HIS C 238 -5.78 -20.93 -19.27
N VAL C 239 -6.19 -21.20 -18.03
CA VAL C 239 -6.36 -20.11 -17.08
C VAL C 239 -5.01 -19.76 -16.46
N THR C 240 -4.64 -18.49 -16.59
CA THR C 240 -3.34 -18.03 -16.13
C THR C 240 -3.18 -18.04 -14.61
N LYS C 241 -1.93 -18.11 -14.19
CA LYS C 241 -1.57 -17.92 -12.79
C LYS C 241 -1.03 -16.50 -12.63
N GLY C 242 -0.70 -16.15 -11.39
CA GLY C 242 -0.19 -14.83 -11.08
C GLY C 242 1.33 -14.79 -10.97
N MET C 243 1.88 -13.59 -10.94
CA MET C 243 3.31 -13.39 -10.74
C MET C 243 3.74 -14.04 -9.43
N LYS C 244 4.97 -14.53 -9.39
CA LYS C 244 5.54 -15.06 -8.15
C LYS C 244 5.63 -13.95 -7.10
N ASP C 245 6.07 -12.77 -7.52
CA ASP C 245 6.16 -11.64 -6.60
C ASP C 245 5.76 -10.33 -7.26
N SER C 246 4.60 -9.82 -6.89
CA SER C 246 4.07 -8.57 -7.42
C SER C 246 4.13 -7.46 -6.38
N SER C 247 4.70 -7.76 -5.21
CA SER C 247 4.58 -6.87 -4.06
C SER C 247 5.27 -5.51 -4.24
N TRP C 248 6.27 -5.44 -5.11
CA TRP C 248 6.97 -4.18 -5.35
C TRP C 248 6.21 -3.28 -6.30
N ILE C 249 5.19 -3.82 -6.96
CA ILE C 249 4.36 -3.03 -7.87
C ILE C 249 3.26 -2.34 -7.07
N THR C 250 3.58 -1.19 -6.51
CA THR C 250 2.70 -0.51 -5.58
C THR C 250 1.82 0.56 -6.24
N GLY C 251 2.13 0.91 -7.48
CA GLY C 251 1.40 1.96 -8.17
C GLY C 251 1.58 1.91 -9.66
N PRO C 252 0.93 2.83 -10.38
CA PRO C 252 1.02 2.91 -11.84
C PRO C 252 2.44 3.00 -12.38
N PHE C 253 3.30 3.82 -11.77
CA PHE C 253 4.66 3.93 -12.27
C PHE C 253 5.41 2.61 -12.14
N GLU C 254 5.26 1.96 -11.00
CA GLU C 254 5.93 0.68 -10.79
C GLU C 254 5.43 -0.35 -11.80
N CYS C 255 4.15 -0.25 -12.16
CA CYS C 255 3.60 -1.10 -13.22
C CYS C 255 4.31 -0.84 -14.56
N SER C 256 4.60 0.42 -14.88
CA SER C 256 5.32 0.73 -16.10
C SER C 256 6.72 0.12 -16.10
N ILE C 257 7.33 0.00 -14.92
CA ILE C 257 8.68 -0.60 -14.84
C ILE C 257 8.64 -2.07 -15.26
N LEU C 258 7.57 -2.77 -14.91
CA LEU C 258 7.42 -4.16 -15.34
C LEU C 258 7.47 -4.23 -16.87
N SER C 259 6.79 -3.31 -17.54
CA SER C 259 6.85 -3.24 -19.00
C SER C 259 8.26 -2.94 -19.51
N ARG C 260 8.85 -1.89 -18.97
CA ARG C 260 10.16 -1.44 -19.40
C ARG C 260 11.17 -2.58 -19.41
N CYS C 261 11.11 -3.41 -18.40
CA CYS C 261 12.17 -4.37 -18.15
C CYS C 261 11.99 -5.72 -18.85
N THR C 262 10.79 -6.01 -19.36
CA THR C 262 10.49 -7.34 -19.89
C THR C 262 10.40 -7.46 -21.41
N THR C 263 10.69 -6.39 -22.16
CA THR C 263 10.71 -6.46 -23.61
C THR C 263 11.44 -7.68 -24.17
N HIS C 264 12.62 -7.96 -23.67
CA HIS C 264 13.45 -8.98 -24.30
C HIS C 264 13.07 -10.39 -23.88
N CYS C 265 12.11 -10.50 -22.98
CA CYS C 265 11.58 -11.79 -22.58
C CYS C 265 10.72 -12.42 -23.67
N TRP C 266 10.26 -11.62 -24.63
CA TRP C 266 9.41 -12.10 -25.71
C TRP C 266 10.20 -12.41 -26.99
N PRO C 267 9.79 -13.46 -27.71
CA PRO C 267 10.53 -13.81 -28.94
C PRO C 267 10.22 -12.86 -30.09
N TYR C 268 11.23 -12.55 -30.90
CA TYR C 268 11.02 -11.88 -32.17
C TYR C 268 11.80 -12.59 -33.26
N LYS C 269 11.13 -12.83 -34.37
CA LYS C 269 11.73 -13.36 -35.59
C LYS C 269 11.12 -12.61 -36.77
N SER C 270 11.94 -12.32 -37.78
CA SER C 270 11.52 -11.50 -38.91
C SER C 270 10.19 -11.94 -39.52
N GLY C 271 9.31 -10.97 -39.73
CA GLY C 271 8.00 -11.23 -40.30
C GLY C 271 6.92 -11.35 -39.24
N GLY C 272 7.34 -11.55 -37.99
CA GLY C 272 6.42 -11.73 -36.88
C GLY C 272 6.26 -10.46 -36.07
N ASN C 273 5.38 -10.52 -35.06
CA ASN C 273 5.18 -9.39 -34.15
C ASN C 273 6.40 -9.14 -33.27
N CYS C 274 6.71 -7.86 -33.12
CA CYS C 274 7.81 -7.41 -32.28
C CYS C 274 7.24 -6.65 -31.08
N PHE C 275 7.46 -7.19 -29.89
CA PHE C 275 6.87 -6.64 -28.67
C PHE C 275 7.89 -5.81 -27.90
N ARG C 276 7.59 -4.53 -27.73
CA ARG C 276 8.48 -3.63 -27.02
C ARG C 276 7.70 -2.47 -26.42
N SER C 277 8.09 -2.04 -25.23
CA SER C 277 7.52 -0.84 -24.60
C SER C 277 6.01 -0.98 -24.48
N LEU C 278 5.56 -2.14 -24.04
CA LEU C 278 4.14 -2.43 -23.98
C LEU C 278 3.40 -1.58 -22.95
N PRO C 279 2.20 -1.10 -23.31
CA PRO C 279 1.40 -0.43 -22.30
C PRO C 279 0.83 -1.45 -21.32
N ALA C 280 0.20 -0.99 -20.25
CA ALA C 280 -0.28 -1.88 -19.21
C ALA C 280 -1.50 -1.30 -18.52
N MET C 281 -2.26 -2.19 -17.87
CA MET C 281 -3.37 -1.81 -17.03
C MET C 281 -3.02 -2.05 -15.58
N PHE C 282 -3.21 -1.03 -14.74
CA PHE C 282 -3.03 -1.18 -13.31
C PHE C 282 -4.39 -1.08 -12.63
N ASP C 283 -4.62 -1.95 -11.65
CA ASP C 283 -5.87 -1.93 -10.88
C ASP C 283 -5.55 -1.40 -9.48
N MET C 284 -6.05 -0.21 -9.18
CA MET C 284 -5.75 0.48 -7.92
C MET C 284 -6.27 -0.27 -6.71
N SER C 285 -7.29 -1.11 -6.91
CA SER C 285 -7.95 -1.75 -5.78
C SER C 285 -7.37 -3.14 -5.48
N THR C 286 -6.78 -3.79 -6.48
CA THR C 286 -6.20 -5.12 -6.29
C THR C 286 -4.68 -5.16 -6.41
N GLY C 287 -4.11 -4.12 -7.02
CA GLY C 287 -2.68 -4.07 -7.26
C GLY C 287 -2.23 -4.85 -8.48
N GLU C 288 -3.18 -5.39 -9.24
CA GLU C 288 -2.82 -6.17 -10.41
C GLU C 288 -2.23 -5.29 -11.51
N CYS C 289 -1.07 -5.68 -12.04
CA CYS C 289 -0.42 -5.05 -13.18
C CYS C 289 -0.43 -6.03 -14.34
N ARG C 290 -1.13 -5.66 -15.41
CA ARG C 290 -1.31 -6.54 -16.56
C ARG C 290 -0.76 -5.85 -17.80
N LEU C 291 0.21 -6.48 -18.45
CA LEU C 291 0.76 -5.98 -19.69
C LEU C 291 -0.24 -6.20 -20.81
N LEU C 292 -0.36 -5.19 -21.69
CA LEU C 292 -1.14 -5.33 -22.90
C LEU C 292 -0.24 -5.69 -24.07
N GLY C 293 -0.76 -6.48 -25.00
CA GLY C 293 0.05 -6.96 -26.10
C GLY C 293 0.08 -6.04 -27.31
N TYR C 294 -0.83 -5.07 -27.32
CA TYR C 294 -1.02 -4.18 -28.45
C TYR C 294 -0.93 -2.73 -28.02
N HIS C 295 -0.31 -1.92 -28.87
CA HIS C 295 -0.23 -0.46 -28.67
C HIS C 295 -1.48 0.30 -29.11
N THR C 296 -2.21 -0.27 -30.06
CA THR C 296 -3.43 0.34 -30.57
C THR C 296 -4.38 0.69 -29.44
N GLN C 297 -4.94 1.90 -29.47
CA GLN C 297 -5.95 2.29 -28.51
C GLN C 297 -7.33 2.53 -29.13
N ASP C 298 -7.38 2.75 -30.44
CA ASP C 298 -8.64 2.96 -31.14
C ASP C 298 -8.54 2.36 -32.53
N PHE C 299 -9.53 1.56 -32.91
CA PHE C 299 -9.63 1.04 -34.26
C PHE C 299 -11.10 0.90 -34.59
N ARG C 300 -11.54 1.56 -35.67
CA ARG C 300 -12.96 1.61 -36.01
C ARG C 300 -13.17 1.67 -37.53
N SER C 301 -12.15 1.27 -38.29
CA SER C 301 -12.22 1.20 -39.74
C SER C 301 -13.27 0.21 -40.23
N SER C 302 -13.61 0.29 -41.51
CA SER C 302 -14.60 -0.62 -42.08
C SER C 302 -14.20 -2.08 -41.99
N THR C 303 -12.90 -2.34 -41.84
CA THR C 303 -12.37 -3.68 -41.78
C THR C 303 -12.25 -4.21 -40.34
N CYS C 304 -12.60 -3.39 -39.35
CA CYS C 304 -12.46 -3.85 -37.98
C CYS C 304 -13.51 -4.92 -37.70
N ALA C 305 -13.15 -5.90 -36.87
CA ALA C 305 -14.06 -6.96 -36.49
C ALA C 305 -14.92 -6.53 -35.31
N GLU C 306 -16.24 -6.63 -35.50
CA GLU C 306 -17.18 -6.24 -34.45
C GLU C 306 -17.44 -7.39 -33.48
N LEU C 307 -16.70 -7.36 -32.38
CA LEU C 307 -16.88 -8.24 -31.20
C LEU C 307 -16.47 -9.70 -31.42
N THR C 308 -16.75 -10.26 -32.59
CA THR C 308 -16.32 -11.62 -32.88
C THR C 308 -15.90 -11.80 -34.33
N THR C 309 -14.80 -12.51 -34.51
CA THR C 309 -14.37 -12.95 -35.82
C THR C 309 -13.49 -14.19 -35.67
N ASP C 310 -13.40 -14.95 -36.76
CA ASP C 310 -12.49 -16.09 -36.88
C ASP C 310 -11.23 -15.75 -37.66
N ASP C 311 -11.23 -14.58 -38.29
CA ASP C 311 -10.13 -14.17 -39.17
C ASP C 311 -8.92 -13.68 -38.36
N THR C 312 -7.87 -14.48 -38.30
CA THR C 312 -6.71 -14.17 -37.47
C THR C 312 -5.85 -13.04 -38.05
N ASN C 313 -6.21 -12.57 -39.24
CA ASN C 313 -5.55 -11.43 -39.88
CA ASN C 313 -5.51 -11.42 -39.82
C ASN C 313 -6.28 -10.12 -39.59
N ALA C 314 -7.46 -10.22 -38.97
CA ALA C 314 -8.28 -9.04 -38.67
C ALA C 314 -7.91 -8.46 -37.32
N PHE C 315 -8.28 -7.20 -37.11
CA PHE C 315 -8.11 -6.54 -35.81
C PHE C 315 -9.47 -6.06 -35.33
N TYR C 316 -9.71 -6.17 -34.04
CA TYR C 316 -11.01 -5.86 -33.46
C TYR C 316 -11.30 -4.36 -33.36
N CYS C 317 -12.58 -4.03 -33.49
CA CYS C 317 -13.07 -2.69 -33.20
C CYS C 317 -12.87 -2.42 -31.71
N VAL C 318 -12.04 -1.44 -31.39
CA VAL C 318 -11.80 -1.07 -29.99
C VAL C 318 -11.75 0.44 -29.87
N ARG C 319 -12.04 0.94 -28.66
CA ARG C 319 -11.81 2.34 -28.37
C ARG C 319 -11.67 2.55 -26.87
N PRO C 320 -10.96 3.62 -26.49
CA PRO C 320 -10.86 3.92 -25.06
C PRO C 320 -12.19 4.34 -24.48
N MET C 321 -12.47 3.93 -23.25
CA MET C 321 -13.69 4.32 -22.54
C MET C 321 -13.37 4.56 -21.09
N LYS C 322 -14.10 5.49 -20.49
CA LYS C 322 -14.13 5.71 -19.05
C LYS C 322 -15.57 5.65 -18.58
N THR C 323 -15.80 4.98 -17.46
CA THR C 323 -17.08 4.99 -16.78
C THR C 323 -16.84 5.17 -15.29
N ALA C 324 -17.87 5.51 -14.54
CA ALA C 324 -17.74 5.56 -13.09
C ALA C 324 -17.15 4.25 -12.57
N ALA C 325 -17.64 3.13 -13.08
CA ALA C 325 -17.20 1.81 -12.64
C ALA C 325 -15.74 1.48 -12.98
N SER C 326 -15.19 2.13 -14.00
CA SER C 326 -13.81 1.86 -14.41
C SER C 326 -12.79 2.69 -13.62
N SER C 327 -13.24 3.41 -12.60
CA SER C 327 -12.38 4.37 -11.90
C SER C 327 -11.24 3.75 -11.08
N ASN C 328 -11.24 2.44 -10.94
CA ASN C 328 -10.13 1.73 -10.30
C ASN C 328 -9.01 1.36 -11.29
N MET C 329 -9.31 1.47 -12.58
CA MET C 329 -8.36 1.06 -13.61
C MET C 329 -7.50 2.23 -14.07
N VAL C 330 -6.27 1.93 -14.47
CA VAL C 330 -5.33 2.93 -14.93
C VAL C 330 -4.63 2.42 -16.17
N TYR C 331 -4.67 3.22 -17.23
CA TYR C 331 -3.93 2.93 -18.46
C TYR C 331 -2.55 3.57 -18.34
N VAL C 332 -1.53 2.73 -18.37
CA VAL C 332 -0.15 3.13 -18.09
C VAL C 332 0.75 2.82 -19.28
N THR C 333 1.49 3.80 -19.80
CA THR C 333 2.43 3.50 -20.87
C THR C 333 3.79 3.10 -20.27
N SER C 334 4.61 2.48 -21.10
CA SER C 334 5.90 1.98 -20.68
C SER C 334 6.79 3.13 -20.20
N HIS C 335 6.54 4.32 -20.76
CA HIS C 335 7.33 5.50 -20.43
C HIS C 335 6.55 6.47 -19.55
N THR C 336 6.08 5.97 -18.42
CA THR C 336 5.41 6.77 -17.41
C THR C 336 6.46 7.55 -16.65
N ARG C 337 6.21 8.83 -16.36
CA ARG C 337 7.20 9.65 -15.69
C ARG C 337 7.19 9.40 -14.19
N PRO C 338 8.37 9.28 -13.58
CA PRO C 338 8.46 8.86 -12.17
C PRO C 338 8.01 9.95 -11.20
N ASP C 339 7.90 11.18 -11.68
CA ASP C 339 7.41 12.28 -10.87
C ASP C 339 5.94 12.58 -11.15
N HIS C 340 5.18 11.57 -11.61
CA HIS C 340 3.81 11.83 -12.04
C HIS C 340 2.89 12.37 -10.94
N GLU C 341 3.16 12.08 -9.67
CA GLU C 341 2.28 12.57 -8.61
C GLU C 341 2.30 14.10 -8.51
N THR C 342 3.40 14.73 -8.92
CA THR C 342 3.52 16.19 -8.88
C THR C 342 3.44 16.85 -10.26
N LYS C 343 3.43 16.04 -11.33
CA LYS C 343 3.42 16.55 -12.69
C LYS C 343 2.14 16.23 -13.46
N CYS C 344 1.33 15.33 -12.89
CA CYS C 344 0.13 14.83 -13.56
C CYS C 344 -1.10 14.89 -12.65
N PRO C 345 -2.31 14.88 -13.23
CA PRO C 345 -3.50 14.92 -12.40
C PRO C 345 -3.71 13.66 -11.57
N PRO C 346 -4.39 13.79 -10.42
CA PRO C 346 -4.73 12.62 -9.63
C PRO C 346 -5.91 11.87 -10.20
N ARG C 347 -6.19 10.73 -9.61
CA ARG C 347 -7.29 9.90 -10.05
C ARG C 347 -8.66 10.55 -9.89
N GLU C 348 -8.87 11.21 -8.77
CA GLU C 348 -10.22 11.65 -8.41
C GLU C 348 -10.55 13.02 -9.01
N PRO C 349 -11.81 13.21 -9.43
CA PRO C 349 -12.28 14.56 -9.72
C PRO C 349 -12.14 15.43 -8.48
N LEU C 350 -12.11 16.75 -8.67
CA LEU C 350 -12.00 17.69 -7.57
C LEU C 350 -13.37 18.22 -7.21
N LYS C 351 -13.86 17.91 -6.00
CA LYS C 351 -15.18 18.38 -5.61
C LYS C 351 -15.20 19.86 -5.20
N ASN C 352 -16.32 20.51 -5.49
CA ASN C 352 -16.63 21.84 -5.01
C ASN C 352 -15.63 22.91 -5.43
N VAL C 353 -15.05 22.74 -6.62
CA VAL C 353 -14.18 23.79 -7.16
C VAL C 353 -14.41 23.98 -8.65
N ARG C 354 -13.94 25.13 -9.13
CA ARG C 354 -14.06 25.57 -10.51
C ARG C 354 -12.68 25.97 -11.02
N TRP C 355 -12.29 25.52 -12.21
CA TRP C 355 -11.00 25.94 -12.78
C TRP C 355 -10.95 27.44 -13.01
N GLY C 356 -9.81 28.06 -12.68
CA GLY C 356 -9.62 29.47 -12.92
C GLY C 356 -8.20 29.87 -13.26
N VAL C 357 -8.03 31.17 -13.49
CA VAL C 357 -6.72 31.77 -13.61
C VAL C 357 -6.65 32.94 -12.62
N VAL C 358 -5.45 33.33 -12.25
CA VAL C 358 -5.27 34.34 -11.22
C VAL C 358 -5.70 35.70 -11.75
N SER C 359 -6.36 36.47 -10.89
CA SER C 359 -6.82 37.80 -11.21
C SER C 359 -6.39 38.75 -10.10
N LYS C 360 -5.70 39.81 -10.49
CA LYS C 360 -5.25 40.85 -9.55
C LYS C 360 -4.48 40.26 -8.39
N GLY C 361 -3.63 39.29 -8.68
CA GLY C 361 -2.65 38.79 -7.72
C GLY C 361 -3.17 37.80 -6.69
N LYS C 362 -4.30 38.11 -6.08
CA LYS C 362 -4.79 37.39 -4.91
C LYS C 362 -6.15 36.75 -5.11
N TYR C 363 -6.71 36.88 -6.31
CA TYR C 363 -8.04 36.39 -6.59
C TYR C 363 -8.00 35.40 -7.74
N CYS C 364 -9.10 34.70 -7.94
CA CYS C 364 -9.21 33.74 -9.04
C CYS C 364 -10.46 34.08 -9.84
N LYS C 365 -10.37 33.98 -11.16
CA LYS C 365 -11.55 34.13 -12.00
C LYS C 365 -11.68 32.90 -12.87
N PRO C 366 -12.93 32.50 -13.18
CA PRO C 366 -13.11 31.31 -14.00
C PRO C 366 -12.44 31.45 -15.36
N MET C 367 -11.92 30.34 -15.87
CA MET C 367 -11.34 30.31 -17.19
C MET C 367 -12.46 30.60 -18.20
N ASN C 368 -12.09 30.99 -19.42
CA ASN C 368 -13.08 31.26 -20.45
C ASN C 368 -13.42 29.99 -21.20
N ALA C 369 -14.68 29.59 -21.14
CA ALA C 369 -15.11 28.35 -21.78
C ALA C 369 -14.90 28.39 -23.29
N ARG C 370 -14.40 27.28 -23.83
CA ARG C 370 -14.37 27.09 -25.28
C ARG C 370 -15.72 26.60 -25.78
N ALA C 371 -16.41 25.85 -24.93
CA ALA C 371 -17.62 25.14 -25.30
C ALA C 371 -18.37 24.72 -24.06
N SER C 372 -19.64 24.40 -24.22
CA SER C 372 -20.42 23.88 -23.11
C SER C 372 -21.38 22.81 -23.58
N LEU C 373 -21.80 21.98 -22.63
CA LEU C 373 -22.78 20.93 -22.86
C LEU C 373 -23.86 21.09 -21.80
N SER C 374 -25.13 21.18 -22.20
CA SER C 374 -26.22 21.40 -21.25
C SER C 374 -26.92 20.10 -20.85
N ASN C 375 -27.47 20.09 -19.64
CA ASN C 375 -28.26 18.99 -19.09
C ASN C 375 -27.52 17.65 -19.11
N ALA C 376 -26.27 17.68 -18.68
CA ALA C 376 -25.43 16.49 -18.60
C ALA C 376 -25.28 16.08 -17.14
N THR C 377 -24.89 14.84 -16.91
CA THR C 377 -24.45 14.41 -15.59
C THR C 377 -22.97 14.71 -15.43
N ALA C 378 -22.49 14.69 -14.19
CA ALA C 378 -21.06 14.91 -13.96
C ALA C 378 -20.20 13.82 -14.63
N GLU C 379 -20.63 12.57 -14.57
CA GLU C 379 -19.93 11.49 -15.24
C GLU C 379 -19.84 11.75 -16.74
N GLN C 380 -20.95 12.19 -17.33
CA GLN C 380 -20.96 12.50 -18.75
C GLN C 380 -19.99 13.65 -19.07
N CYS C 381 -19.90 14.63 -18.19
CA CYS C 381 -18.95 15.73 -18.34
C CYS C 381 -17.52 15.20 -18.46
N GLY C 382 -17.14 14.34 -17.52
CA GLY C 382 -15.81 13.77 -17.54
C GLY C 382 -15.58 12.89 -18.75
N GLN C 383 -16.59 12.11 -19.13
CA GLN C 383 -16.49 11.25 -20.29
C GLN C 383 -16.30 12.04 -21.57
N ARG C 384 -17.14 13.06 -21.78
CA ARG C 384 -17.00 13.83 -23.00
C ARG C 384 -15.71 14.65 -23.01
N LEU C 385 -15.27 15.16 -21.85
CA LEU C 385 -13.96 15.82 -21.80
C LEU C 385 -12.85 14.90 -22.33
N PHE C 386 -12.85 13.66 -21.86
CA PHE C 386 -11.88 12.67 -22.30
C PHE C 386 -11.94 12.48 -23.83
N MET C 387 -13.16 12.34 -24.34
CA MET C 387 -13.38 12.09 -25.77
C MET C 387 -13.11 13.33 -26.65
N LEU C 388 -13.06 14.50 -26.03
CA LEU C 388 -12.83 15.76 -26.73
C LEU C 388 -11.44 16.34 -26.45
N SER C 389 -10.54 15.53 -25.90
CA SER C 389 -9.27 16.05 -25.42
C SER C 389 -8.22 16.08 -26.53
N SER C 390 -7.47 15.00 -26.73
CA SER C 390 -6.46 14.97 -27.77
C SER C 390 -6.23 13.54 -28.22
N ALA C 391 -5.77 13.39 -29.45
CA ALA C 391 -5.59 12.05 -30.00
C ALA C 391 -4.55 12.08 -31.10
N ASP C 392 -3.62 11.14 -31.03
CA ASP C 392 -2.69 10.92 -32.11
C ASP C 392 -3.32 9.94 -33.10
N GLY C 393 -2.65 9.70 -34.23
CA GLY C 393 -3.17 8.79 -35.24
C GLY C 393 -4.08 9.43 -36.30
N SER C 394 -4.17 10.76 -36.28
CA SER C 394 -4.82 11.58 -37.34
C SER C 394 -6.35 11.54 -37.39
N SER C 395 -6.92 10.34 -37.47
CA SER C 395 -8.32 10.15 -37.84
C SER C 395 -9.34 10.82 -36.93
N LEU C 396 -9.01 10.95 -35.65
CA LEU C 396 -9.95 11.51 -34.70
C LEU C 396 -9.79 13.02 -34.51
N SER C 397 -8.98 13.69 -35.34
CA SER C 397 -8.70 15.12 -35.16
C SER C 397 -9.96 16.00 -35.27
N SER C 398 -10.97 15.53 -36.01
CA SER C 398 -12.22 16.29 -36.19
C SER C 398 -13.11 16.20 -34.95
N GLN C 399 -12.84 15.21 -34.09
CA GLN C 399 -13.61 15.02 -32.86
C GLN C 399 -12.94 15.67 -31.66
N VAL C 400 -11.66 15.38 -31.45
CA VAL C 400 -10.97 15.98 -30.31
C VAL C 400 -10.77 17.48 -30.58
N ARG C 401 -10.76 18.27 -29.50
CA ARG C 401 -10.80 19.72 -29.59
C ARG C 401 -9.68 20.41 -28.81
N GLY C 402 -8.94 19.66 -28.01
CA GLY C 402 -7.87 20.24 -27.21
C GLY C 402 -8.32 20.59 -25.80
N TYR C 403 -9.45 20.04 -25.38
CA TYR C 403 -9.99 20.33 -24.05
C TYR C 403 -9.39 19.37 -23.02
N HIS C 404 -8.77 19.89 -21.97
CA HIS C 404 -8.21 19.02 -20.93
C HIS C 404 -8.74 19.28 -19.55
N TRP C 405 -9.57 20.31 -19.43
CA TRP C 405 -10.18 20.71 -18.16
C TRP C 405 -11.64 21.03 -18.38
N ALA C 406 -12.49 20.55 -17.47
CA ALA C 406 -13.90 20.91 -17.49
C ALA C 406 -14.40 21.21 -16.08
N THR C 407 -15.30 22.19 -15.99
CA THR C 407 -16.04 22.46 -14.77
C THR C 407 -17.49 22.06 -14.97
N PHE C 408 -17.98 21.18 -14.11
CA PHE C 408 -19.40 20.82 -14.06
C PHE C 408 -20.12 21.69 -13.04
N VAL C 409 -21.23 22.29 -13.45
CA VAL C 409 -22.03 23.13 -12.57
C VAL C 409 -23.41 22.51 -12.45
N ALA C 410 -23.71 21.95 -11.29
CA ALA C 410 -24.99 21.29 -11.06
C ALA C 410 -26.11 22.31 -11.01
N THR C 411 -27.28 21.91 -11.51
CA THR C 411 -28.44 22.79 -11.47
C THR C 411 -28.80 23.13 -10.02
N ASP C 412 -28.86 22.13 -9.15
CA ASP C 412 -29.18 22.38 -7.75
C ASP C 412 -28.80 21.20 -6.84
N CYS C 413 -27.54 20.79 -6.94
CA CYS C 413 -26.98 19.74 -6.09
C CYS C 413 -25.65 20.24 -5.53
N ASN C 414 -25.42 20.04 -4.23
CA ASN C 414 -24.08 20.25 -3.69
C ASN C 414 -23.25 19.05 -4.08
N MET C 415 -22.19 19.27 -4.85
CA MET C 415 -21.51 18.16 -5.51
C MET C 415 -20.57 17.38 -4.61
N GLY C 416 -20.54 17.75 -3.32
CA GLY C 416 -19.90 16.94 -2.31
C GLY C 416 -20.86 16.00 -1.60
N GLU C 417 -22.15 16.11 -1.92
CA GLU C 417 -23.19 15.35 -1.24
C GLU C 417 -23.69 14.18 -2.10
N SER C 418 -24.59 13.36 -1.56
CA SER C 418 -24.99 12.11 -2.20
C SER C 418 -25.71 12.32 -3.54
N CYS C 419 -26.23 13.52 -3.76
CA CYS C 419 -26.90 13.84 -5.02
C CYS C 419 -25.92 13.90 -6.19
N ALA C 420 -24.63 13.94 -5.90
CA ALA C 420 -23.64 14.22 -6.94
C ALA C 420 -23.68 13.21 -8.08
N ALA C 421 -24.00 11.96 -7.75
CA ALA C 421 -23.93 10.88 -8.73
C ALA C 421 -25.04 10.94 -9.77
N THR C 422 -26.12 11.65 -9.47
CA THR C 422 -27.26 11.71 -10.40
C THR C 422 -27.65 13.14 -10.80
N ALA C 423 -26.97 14.12 -10.23
CA ALA C 423 -27.26 15.53 -10.54
C ALA C 423 -27.06 15.81 -12.01
N ARG C 424 -27.92 16.65 -12.57
CA ARG C 424 -27.73 17.16 -13.92
C ARG C 424 -27.30 18.62 -13.85
N GLY C 425 -26.64 19.08 -14.91
CA GLY C 425 -26.12 20.43 -14.94
C GLY C 425 -25.42 20.74 -16.23
N LYS C 426 -24.55 21.73 -16.18
CA LYS C 426 -23.85 22.22 -17.36
C LYS C 426 -22.36 21.92 -17.27
N CYS C 427 -21.80 21.41 -18.37
CA CYS C 427 -20.38 21.13 -18.49
CA CYS C 427 -20.36 21.15 -18.52
C CYS C 427 -19.70 22.26 -19.29
N PHE C 428 -18.67 22.86 -18.72
CA PHE C 428 -17.88 23.90 -19.40
C PHE C 428 -16.49 23.37 -19.70
N PHE C 429 -16.12 23.40 -20.98
CA PHE C 429 -14.84 22.85 -21.44
C PHE C 429 -13.82 23.93 -21.72
N TYR C 430 -12.57 23.65 -21.33
CA TYR C 430 -11.49 24.61 -21.42
C TYR C 430 -10.25 24.09 -22.12
N SER C 431 -9.53 24.98 -22.80
CA SER C 431 -8.22 24.66 -23.38
C SER C 431 -7.11 25.53 -22.76
N THR C 432 -7.47 26.31 -21.74
CA THR C 432 -6.53 27.18 -21.03
C THR C 432 -5.89 26.45 -19.84
N VAL C 433 -4.58 26.58 -19.67
CA VAL C 433 -3.90 25.99 -18.51
C VAL C 433 -4.36 26.70 -17.22
N PRO C 434 -4.91 25.95 -16.25
CA PRO C 434 -5.41 26.58 -15.02
C PRO C 434 -4.31 27.00 -14.04
N GLU C 435 -4.59 28.06 -13.27
CA GLU C 435 -3.62 28.61 -12.32
C GLU C 435 -4.14 28.61 -10.89
N CYS C 436 -5.44 28.39 -10.75
CA CYS C 436 -6.07 28.43 -9.44
C CYS C 436 -7.47 27.83 -9.51
N LEU C 437 -8.09 27.72 -8.34
CA LEU C 437 -9.42 27.14 -8.21
C LEU C 437 -10.32 28.05 -7.38
N ILE C 438 -11.60 28.07 -7.72
CA ILE C 438 -12.62 28.80 -6.96
C ILE C 438 -13.53 27.80 -6.28
N HIS C 439 -13.72 27.93 -4.97
CA HIS C 439 -14.62 27.04 -4.27
C HIS C 439 -16.07 27.35 -4.58
N SER C 440 -16.88 26.31 -4.78
CA SER C 440 -18.32 26.46 -4.96
C SER C 440 -19.08 25.23 -4.48
N PRO C 441 -20.26 25.42 -3.87
CA PRO C 441 -21.01 24.25 -3.42
C PRO C 441 -21.51 23.37 -4.56
N THR C 442 -21.74 23.93 -5.74
CA THR C 442 -22.48 23.20 -6.77
C THR C 442 -21.62 22.75 -7.95
N THR C 443 -20.30 22.74 -7.79
CA THR C 443 -19.42 22.42 -8.91
C THR C 443 -18.45 21.26 -8.65
N MET C 444 -17.88 20.75 -9.74
CA MET C 444 -16.88 19.70 -9.71
C MET C 444 -15.94 19.90 -10.89
N ALA C 445 -14.64 19.65 -10.69
CA ALA C 445 -13.65 19.87 -11.74
C ALA C 445 -13.01 18.56 -12.20
N PHE C 446 -12.93 18.38 -13.51
CA PHE C 446 -12.38 17.19 -14.15
C PHE C 446 -11.19 17.57 -15.02
N THR C 447 -10.26 16.63 -15.19
CA THR C 447 -9.30 16.70 -16.29
C THR C 447 -9.49 15.51 -17.21
N SER C 448 -8.86 15.59 -18.37
CA SER C 448 -8.94 14.51 -19.34
C SER C 448 -8.21 13.24 -18.89
N LEU C 449 -7.41 13.34 -17.83
CA LEU C 449 -6.69 12.19 -17.28
C LEU C 449 -7.33 11.65 -16.00
N SER C 450 -8.38 12.32 -15.54
CA SER C 450 -9.10 11.96 -14.31
C SER C 450 -10.02 10.80 -14.52
N ALA C 451 -10.28 10.03 -13.46
CA ALA C 451 -11.42 9.13 -13.47
C ALA C 451 -12.72 9.97 -13.49
N VAL C 452 -13.84 9.35 -13.85
CA VAL C 452 -15.06 10.13 -14.10
C VAL C 452 -16.20 9.87 -13.11
N ASP C 453 -15.92 9.18 -12.00
CA ASP C 453 -16.90 8.92 -10.95
C ASP C 453 -17.02 10.12 -10.01
N PRO C 454 -18.14 10.85 -10.05
CA PRO C 454 -18.24 11.99 -9.15
C PRO C 454 -18.26 11.60 -7.66
N SER C 455 -18.61 10.35 -7.36
CA SER C 455 -18.77 9.93 -5.97
CA SER C 455 -18.76 9.95 -5.96
C SER C 455 -17.43 9.72 -5.25
N ILE C 456 -16.32 9.70 -6.00
CA ILE C 456 -15.00 9.57 -5.39
C ILE C 456 -14.24 10.89 -5.33
N ALA C 457 -14.88 11.98 -5.75
CA ALA C 457 -14.22 13.29 -5.80
C ALA C 457 -13.69 13.71 -4.42
N ILE C 458 -12.55 14.40 -4.42
CA ILE C 458 -11.95 14.88 -3.19
C ILE C 458 -11.55 16.33 -3.35
N ASP C 459 -11.09 16.96 -2.27
CA ASP C 459 -10.65 18.35 -2.33
C ASP C 459 -9.30 18.47 -3.02
N PRO C 460 -9.06 19.59 -3.71
CA PRO C 460 -7.69 19.94 -4.10
C PRO C 460 -6.89 20.37 -2.89
N ASP C 461 -5.60 20.54 -3.04
CA ASP C 461 -4.81 21.22 -2.02
C ASP C 461 -5.32 22.66 -1.92
N SER C 462 -5.56 23.13 -0.69
CA SER C 462 -6.13 24.46 -0.50
C SER C 462 -5.20 25.58 -0.99
N ILE C 463 -3.93 25.27 -1.20
CA ILE C 463 -3.01 26.26 -1.77
C ILE C 463 -3.54 26.76 -3.11
N ALA C 464 -4.31 25.92 -3.79
CA ALA C 464 -4.79 26.28 -5.13
C ALA C 464 -5.99 27.22 -5.09
N VAL C 465 -6.65 27.29 -3.95
CA VAL C 465 -7.94 27.94 -3.86
C VAL C 465 -7.80 29.41 -3.43
N LEU C 466 -8.36 30.30 -4.23
CA LEU C 466 -8.41 31.73 -3.92
C LEU C 466 -9.84 32.24 -3.99
N PRO C 467 -10.14 33.35 -3.31
CA PRO C 467 -11.47 33.94 -3.43
C PRO C 467 -11.71 34.45 -4.85
N GLU C 468 -12.95 34.41 -5.30
CA GLU C 468 -13.25 34.82 -6.66
C GLU C 468 -13.13 36.33 -6.80
N ASP C 469 -12.60 36.76 -7.93
CA ASP C 469 -12.64 38.17 -8.32
C ASP C 469 -14.03 38.45 -8.89
N LYS C 470 -14.93 38.95 -8.04
CA LYS C 470 -16.30 39.18 -8.45
C LYS C 470 -16.49 40.51 -9.18
N CYS C 471 -15.38 41.18 -9.48
CA CYS C 471 -15.43 42.47 -10.17
C CYS C 471 -15.13 42.34 -11.67
N VAL C 472 -14.85 41.12 -12.12
CA VAL C 472 -14.66 40.87 -13.54
C VAL C 472 -15.98 41.04 -14.28
N VAL D 7 16.63 -12.33 -39.24
CA VAL D 7 16.86 -11.73 -37.94
C VAL D 7 15.93 -12.33 -36.90
N GLN D 8 16.46 -12.57 -35.71
CA GLN D 8 15.65 -12.93 -34.57
C GLN D 8 16.40 -12.56 -33.29
N ASN D 9 15.66 -12.27 -32.22
CA ASN D 9 16.31 -11.89 -30.98
C ASN D 9 16.72 -13.13 -30.19
N GLN D 10 17.32 -12.92 -29.02
CA GLN D 10 17.93 -14.01 -28.27
C GLN D 10 16.87 -14.96 -27.72
N SER D 11 15.73 -14.42 -27.30
CA SER D 11 14.65 -15.26 -26.80
C SER D 11 14.05 -16.11 -27.91
N SER D 12 14.11 -15.63 -29.15
CA SER D 12 13.68 -16.44 -30.29
C SER D 12 14.70 -17.54 -30.58
N LEU D 13 15.97 -17.23 -30.38
CA LEU D 13 17.05 -18.19 -30.60
C LEU D 13 17.08 -19.26 -29.52
N ALA D 14 16.63 -18.89 -28.32
CA ALA D 14 16.81 -19.70 -27.13
C ALA D 14 16.34 -21.16 -27.24
N PRO D 15 15.13 -21.40 -27.80
CA PRO D 15 14.67 -22.79 -27.89
C PRO D 15 15.63 -23.69 -28.67
N GLU D 16 16.17 -23.18 -29.76
CA GLU D 16 17.00 -23.97 -30.65
C GLU D 16 18.37 -24.27 -30.05
N LEU D 17 18.71 -23.59 -28.96
CA LEU D 17 20.00 -23.78 -28.30
C LEU D 17 19.83 -24.50 -26.97
N SER D 18 18.58 -24.71 -26.56
CA SER D 18 18.29 -25.35 -25.29
C SER D 18 18.63 -26.83 -25.31
N GLY D 19 18.96 -27.35 -24.14
CA GLY D 19 19.11 -28.79 -23.96
C GLY D 19 17.77 -29.47 -24.04
N CYS D 20 16.70 -28.70 -23.80
CA CYS D 20 15.35 -29.24 -23.81
C CYS D 20 14.36 -28.28 -24.45
N PRO D 21 14.43 -28.14 -25.78
CA PRO D 21 13.40 -27.37 -26.49
C PRO D 21 12.04 -28.05 -26.36
N PRO D 22 10.95 -27.31 -26.60
CA PRO D 22 10.93 -25.90 -27.02
C PRO D 22 10.81 -24.86 -25.89
N MET D 23 10.62 -25.30 -24.64
CA MET D 23 10.40 -24.38 -23.51
C MET D 23 11.49 -24.43 -22.45
N GLY D 24 12.31 -25.46 -22.49
CA GLY D 24 13.34 -25.67 -21.48
C GLY D 24 13.03 -26.87 -20.60
N ILE D 25 11.96 -27.59 -20.93
CA ILE D 25 11.56 -28.76 -20.17
C ILE D 25 11.56 -29.98 -21.09
N CYS D 26 12.20 -31.06 -20.64
CA CYS D 26 12.39 -32.25 -21.45
C CYS D 26 11.09 -33.05 -21.56
N MET D 27 11.05 -34.03 -22.45
CA MET D 27 9.81 -34.72 -22.78
CA MET D 27 9.79 -34.68 -22.76
C MET D 27 9.17 -35.42 -21.58
N ASP D 28 9.98 -35.86 -20.62
CA ASP D 28 9.43 -36.53 -19.45
C ASP D 28 9.08 -35.53 -18.35
N GLY D 29 9.30 -34.26 -18.61
CA GLY D 29 8.93 -33.20 -17.68
C GLY D 29 10.11 -32.64 -16.92
N THR D 30 11.25 -33.33 -16.97
CA THR D 30 12.43 -32.88 -16.23
C THR D 30 13.05 -31.62 -16.86
N ILE D 31 13.93 -30.98 -16.10
CA ILE D 31 14.44 -29.66 -16.43
C ILE D 31 15.81 -29.76 -17.09
N GLY D 32 15.99 -29.04 -18.19
CA GLY D 32 17.20 -29.13 -18.99
C GLY D 32 18.11 -27.93 -18.84
N ASP D 33 19.26 -27.98 -19.51
CA ASP D 33 20.23 -26.88 -19.45
C ASP D 33 19.96 -25.84 -20.54
N PRO D 34 20.06 -24.54 -20.20
CA PRO D 34 19.75 -23.45 -21.13
C PRO D 34 20.52 -23.47 -22.46
N ILE D 35 21.81 -23.80 -22.42
CA ILE D 35 22.61 -23.84 -23.64
C ILE D 35 23.30 -25.20 -23.73
N ALA D 36 22.86 -26.01 -24.68
CA ALA D 36 23.29 -27.39 -24.79
C ALA D 36 24.69 -27.53 -25.38
N SER D 37 25.13 -26.52 -26.13
CA SER D 37 26.42 -26.61 -26.82
C SER D 37 27.06 -25.24 -27.01
#